data_9EFN
#
_entry.id   9EFN
#
_cell.length_a   49.430
_cell.length_b   72.010
_cell.length_c   114.680
_cell.angle_alpha   90.000
_cell.angle_beta   93.950
_cell.angle_gamma   90.000
#
_symmetry.space_group_name_H-M   'P 1 21 1'
#
loop_
_entity.id
_entity.type
_entity.pdbx_description
1 polymer 'CRAL-TRIO domain-containing protein YKL091C'
2 non-polymer PHOSPHATIDYLETHANOLAMINE
3 non-polymer 'SULFATE ION'
4 non-polymer GLYCEROL
5 water water
#
_entity_poly.entity_id   1
_entity_poly.type   'polypeptide(L)'
_entity_poly.pdbx_seq_one_letter_code
;MTTSILDTYPQICSPNALPGTPGNLTKEQEEALLQFRSILLEKNYKERLDDSTLLRFLRARKFDINASVEMFVETERWRE
EYGANTIIEDYENNKEAEDKERIKLAKMYPQYYHHVDKDGRPLYFEELGGINLKKMYKITTEKQMLRNLVKEYELFATYR
VPACSRRAGYLIETSCTVLDLKGISLSNAYHVLSYICDVADISQNYYPERMGKFYIIHSPFGWSTMFKMVKPCLDPVTVS
KIFILGSSYKKELLKQIPIENLPVKYGGTSVLHNPNDKFYYSDIGPWRDPRYIGPEGEIPNIFGKFTVTS
;
_entity_poly.pdbx_strand_id   A,B
#
loop_
_chem_comp.id
_chem_comp.type
_chem_comp.name
_chem_comp.formula
GOL non-polymer GLYCEROL 'C3 H8 O3'
PTY non-polymer PHOSPHATIDYLETHANOLAMINE 'C40 H80 N O8 P'
SO4 non-polymer 'SULFATE ION' 'O4 S -2'
#
# COMPACT_ATOMS: atom_id res chain seq x y z
N THR A 2 14.93 -27.77 -31.36
CA THR A 2 14.99 -26.76 -32.42
C THR A 2 16.32 -26.02 -32.41
N THR A 3 16.82 -25.76 -31.21
CA THR A 3 17.93 -24.85 -30.93
C THR A 3 17.62 -23.41 -31.32
N SER A 4 16.38 -23.12 -31.75
CA SER A 4 15.92 -21.77 -32.05
C SER A 4 15.11 -21.25 -30.87
N ILE A 5 15.69 -20.32 -30.11
CA ILE A 5 15.03 -19.82 -28.90
C ILE A 5 13.71 -19.14 -29.25
N LEU A 6 13.68 -18.41 -30.35
CA LEU A 6 12.44 -17.73 -30.75
C LEU A 6 11.26 -18.69 -30.88
N ASP A 7 11.53 -19.97 -31.09
CA ASP A 7 10.48 -20.97 -31.16
C ASP A 7 9.90 -21.32 -29.81
N THR A 8 10.46 -20.82 -28.70
CA THR A 8 10.02 -21.24 -27.38
C THR A 8 9.28 -20.13 -26.65
N TYR A 9 8.97 -19.03 -27.30
CA TYR A 9 8.13 -18.02 -26.66
C TYR A 9 7.38 -17.28 -27.74
N PRO A 10 6.25 -16.64 -27.39
CA PRO A 10 5.41 -16.04 -28.43
C PRO A 10 6.17 -14.96 -29.19
N GLN A 11 5.98 -14.96 -30.51
CA GLN A 11 6.54 -13.94 -31.39
C GLN A 11 5.48 -13.00 -31.96
N ILE A 12 4.26 -13.00 -31.44
CA ILE A 12 3.26 -12.01 -31.84
C ILE A 12 2.80 -11.24 -30.62
N CYS A 13 2.59 -9.94 -30.80
CA CYS A 13 2.22 -9.08 -29.70
C CYS A 13 0.72 -9.20 -29.45
N SER A 14 0.29 -8.70 -28.29
CA SER A 14 -1.12 -8.64 -27.99
C SER A 14 -1.86 -7.91 -29.10
N PRO A 15 -3.07 -8.34 -29.48
CA PRO A 15 -3.84 -7.58 -30.49
C PRO A 15 -4.20 -6.19 -30.04
N ASN A 16 -4.00 -5.85 -28.77
CA ASN A 16 -4.27 -4.52 -28.25
C ASN A 16 -3.04 -3.64 -28.29
N ALA A 17 -1.99 -4.05 -29.00
CA ALA A 17 -0.74 -3.30 -29.03
C ALA A 17 -0.78 -2.21 -30.09
N LEU A 18 0.28 -1.42 -30.17
CA LEU A 18 0.35 -0.33 -31.11
C LEU A 18 0.51 -0.85 -32.54
N PRO A 19 0.20 -0.01 -33.53
CA PRO A 19 0.35 -0.45 -34.92
C PRO A 19 1.80 -0.70 -35.29
N GLY A 20 1.99 -1.51 -36.32
CA GLY A 20 3.33 -1.89 -36.76
C GLY A 20 4.01 -2.93 -35.91
N THR A 21 3.32 -3.51 -34.90
CA THR A 21 3.90 -4.52 -34.01
C THR A 21 3.60 -5.94 -34.50
N PRO A 22 4.51 -6.86 -34.22
CA PRO A 22 4.33 -8.26 -34.70
C PRO A 22 2.94 -8.79 -34.42
N GLY A 23 2.31 -9.35 -35.45
CA GLY A 23 0.94 -9.83 -35.38
C GLY A 23 -0.14 -8.80 -35.70
N ASN A 24 0.22 -7.51 -35.82
CA ASN A 24 -0.74 -6.41 -35.94
C ASN A 24 -0.49 -5.56 -37.18
N LEU A 25 0.15 -6.15 -38.18
CA LEU A 25 0.56 -5.41 -39.35
C LEU A 25 -0.59 -5.24 -40.33
N THR A 26 -0.48 -4.18 -41.13
CA THR A 26 -1.24 -4.02 -42.35
C THR A 26 -0.60 -4.84 -43.48
N LYS A 27 -1.34 -5.00 -44.56
CA LYS A 27 -0.79 -5.70 -45.72
C LYS A 27 0.49 -5.04 -46.22
N GLU A 28 0.47 -3.71 -46.36
CA GLU A 28 1.66 -2.98 -46.79
C GLU A 28 2.82 -3.17 -45.82
N GLN A 29 2.54 -3.16 -44.53
CA GLN A 29 3.62 -3.34 -43.57
C GLN A 29 4.18 -4.76 -43.63
N GLU A 30 3.33 -5.75 -43.91
CA GLU A 30 3.82 -7.12 -44.10
C GLU A 30 4.75 -7.20 -45.30
N GLU A 31 4.37 -6.57 -46.41
CA GLU A 31 5.22 -6.57 -47.59
C GLU A 31 6.52 -5.80 -47.34
N ALA A 32 6.46 -4.71 -46.58
CA ALA A 32 7.69 -4.00 -46.22
C ALA A 32 8.64 -4.88 -45.42
N LEU A 33 8.11 -5.65 -44.47
CA LEU A 33 8.94 -6.56 -43.69
C LEU A 33 9.63 -7.58 -44.59
N LEU A 34 8.89 -8.17 -45.53
CA LEU A 34 9.48 -9.17 -46.42
C LEU A 34 10.55 -8.55 -47.32
N GLN A 35 10.31 -7.33 -47.82
CA GLN A 35 11.29 -6.65 -48.64
CA GLN A 35 11.31 -6.67 -48.64
C GLN A 35 12.54 -6.31 -47.83
N PHE A 36 12.33 -5.84 -46.59
CA PHE A 36 13.42 -5.51 -45.69
C PHE A 36 14.30 -6.73 -45.39
N ARG A 37 13.67 -7.86 -45.05
CA ARG A 37 14.44 -9.07 -44.78
C ARG A 37 15.17 -9.54 -46.03
N SER A 38 14.53 -9.44 -47.20
CA SER A 38 15.14 -9.89 -48.43
C SER A 38 16.42 -9.12 -48.73
N ILE A 39 16.40 -7.79 -48.49
CA ILE A 39 17.60 -6.98 -48.70
C ILE A 39 18.73 -7.44 -47.79
N LEU A 40 18.46 -7.51 -46.49
CA LEU A 40 19.49 -7.91 -45.54
C LEU A 40 20.06 -9.29 -45.89
N LEU A 41 19.21 -10.22 -46.30
CA LEU A 41 19.69 -11.55 -46.72
C LEU A 41 20.61 -11.44 -47.93
N GLU A 42 20.24 -10.60 -48.89
CA GLU A 42 21.07 -10.43 -50.07
C GLU A 42 22.41 -9.80 -49.72
N LYS A 43 22.47 -9.02 -48.66
CA LYS A 43 23.71 -8.41 -48.21
C LYS A 43 24.52 -9.32 -47.31
N ASN A 44 24.03 -10.55 -47.11
CA ASN A 44 24.69 -11.62 -46.35
C ASN A 44 24.64 -11.41 -44.84
N TYR A 45 23.60 -10.71 -44.35
CA TYR A 45 23.29 -10.76 -42.92
C TYR A 45 22.56 -12.06 -42.58
N LYS A 46 22.86 -12.60 -41.42
CA LYS A 46 22.24 -13.87 -41.03
C LYS A 46 21.54 -13.82 -39.68
N GLU A 47 21.99 -12.93 -38.79
CA GLU A 47 21.52 -12.88 -37.41
C GLU A 47 20.52 -11.74 -37.24
N ARG A 48 19.65 -11.87 -36.24
CA ARG A 48 18.75 -10.79 -35.83
C ARG A 48 17.81 -10.38 -36.96
N LEU A 49 17.40 -11.35 -37.79
CA LEU A 49 16.50 -11.08 -38.90
C LEU A 49 15.05 -11.47 -38.57
N ASP A 50 14.75 -11.70 -37.31
CA ASP A 50 13.42 -12.13 -36.90
C ASP A 50 12.41 -10.99 -37.02
N ASP A 51 11.12 -11.34 -36.94
CA ASP A 51 10.06 -10.35 -37.12
C ASP A 51 10.17 -9.23 -36.10
N SER A 52 10.35 -9.58 -34.82
CA SER A 52 10.43 -8.56 -33.76
C SER A 52 11.56 -7.57 -34.02
N THR A 53 12.78 -8.08 -34.24
CA THR A 53 13.91 -7.18 -34.46
C THR A 53 13.65 -6.27 -35.66
N LEU A 54 13.26 -6.85 -36.81
CA LEU A 54 13.17 -6.05 -38.02
C LEU A 54 12.04 -5.02 -37.94
N LEU A 55 10.92 -5.38 -37.32
CA LEU A 55 9.83 -4.43 -37.19
C LEU A 55 10.15 -3.32 -36.18
N ARG A 56 11.01 -3.59 -35.19
CA ARG A 56 11.50 -2.48 -34.37
C ARG A 56 12.23 -1.46 -35.23
N PHE A 57 13.16 -1.91 -36.06
CA PHE A 57 13.85 -0.99 -36.97
C PHE A 57 12.87 -0.30 -37.92
N LEU A 58 11.91 -1.05 -38.45
CA LEU A 58 10.97 -0.43 -39.39
C LEU A 58 10.09 0.61 -38.70
N ARG A 59 9.59 0.32 -37.51
CA ARG A 59 8.80 1.33 -36.81
C ARG A 59 9.62 2.59 -36.53
N ALA A 60 10.88 2.40 -36.16
CA ALA A 60 11.75 3.55 -35.86
C ALA A 60 11.99 4.43 -37.08
N ARG A 61 11.75 3.92 -38.29
CA ARG A 61 11.95 4.67 -39.52
C ARG A 61 10.66 4.81 -40.33
N LYS A 62 9.50 4.65 -39.66
CA LYS A 62 8.18 4.77 -40.29
C LYS A 62 8.09 3.92 -41.56
N PHE A 63 8.64 2.71 -41.46
CA PHE A 63 8.64 1.71 -42.52
C PHE A 63 9.28 2.21 -43.81
N ASP A 64 10.18 3.17 -43.71
CA ASP A 64 11.02 3.54 -44.85
C ASP A 64 12.10 2.46 -44.95
N ILE A 65 12.01 1.65 -46.01
CA ILE A 65 12.89 0.46 -46.11
C ILE A 65 14.33 0.88 -46.31
N ASN A 66 14.57 1.89 -47.16
CA ASN A 66 15.95 2.37 -47.37
C ASN A 66 16.58 2.82 -46.05
N ALA A 67 15.87 3.68 -45.31
CA ALA A 67 16.38 4.19 -44.03
C ALA A 67 16.55 3.08 -43.03
N SER A 68 15.62 2.12 -43.03
CA SER A 68 15.70 0.99 -42.11
C SER A 68 16.90 0.10 -42.39
N VAL A 69 17.19 -0.16 -43.66
CA VAL A 69 18.40 -0.93 -44.00
C VAL A 69 19.63 -0.20 -43.49
N GLU A 70 19.74 1.10 -43.78
CA GLU A 70 20.87 1.90 -43.32
C GLU A 70 21.04 1.81 -41.80
N MET A 71 19.93 1.94 -41.07
CA MET A 71 19.96 1.81 -39.61
C MET A 71 20.46 0.44 -39.18
N PHE A 72 19.91 -0.63 -39.77
CA PHE A 72 20.29 -2.00 -39.39
C PHE A 72 21.75 -2.26 -39.70
N VAL A 73 22.20 -1.87 -40.89
CA VAL A 73 23.60 -2.07 -41.28
C VAL A 73 24.53 -1.37 -40.28
N GLU A 74 24.20 -0.13 -39.91
CA GLU A 74 25.08 0.57 -38.97
C GLU A 74 25.05 -0.09 -37.60
N THR A 75 23.88 -0.56 -37.17
CA THR A 75 23.79 -1.24 -35.89
C THR A 75 24.70 -2.47 -35.85
N GLU A 76 24.65 -3.28 -36.92
CA GLU A 76 25.47 -4.49 -36.94
C GLU A 76 26.96 -4.15 -36.87
N ARG A 77 27.37 -3.11 -37.59
CA ARG A 77 28.74 -2.64 -37.51
C ARG A 77 29.11 -2.25 -36.08
N TRP A 78 28.25 -1.44 -35.44
CA TRP A 78 28.53 -0.99 -34.08
C TRP A 78 28.61 -2.18 -33.12
N ARG A 79 27.69 -3.14 -33.24
CA ARG A 79 27.70 -4.30 -32.36
C ARG A 79 29.04 -5.02 -32.44
N GLU A 80 29.54 -5.22 -33.66
CA GLU A 80 30.81 -5.90 -33.87
C GLU A 80 31.96 -5.08 -33.28
N GLU A 81 32.04 -3.81 -33.65
CA GLU A 81 33.18 -2.97 -33.27
C GLU A 81 33.25 -2.74 -31.77
N TYR A 82 32.09 -2.59 -31.12
CA TYR A 82 32.00 -2.28 -29.70
C TYR A 82 32.06 -3.53 -28.83
N GLY A 83 31.79 -4.70 -29.40
CA GLY A 83 31.75 -5.93 -28.63
C GLY A 83 30.42 -6.26 -28.01
N ALA A 84 29.33 -5.65 -28.49
CA ALA A 84 28.00 -5.99 -27.98
C ALA A 84 27.70 -7.46 -28.16
N ASN A 85 28.20 -8.08 -29.22
CA ASN A 85 27.88 -9.48 -29.49
C ASN A 85 28.49 -10.46 -28.48
N THR A 86 29.51 -10.04 -27.74
CA THR A 86 30.13 -10.89 -26.73
C THR A 86 30.04 -10.29 -25.33
N ILE A 87 29.26 -9.22 -25.12
CA ILE A 87 29.31 -8.51 -23.86
C ILE A 87 28.94 -9.41 -22.69
N ILE A 88 27.91 -10.26 -22.86
CA ILE A 88 27.49 -11.14 -21.76
C ILE A 88 28.57 -12.18 -21.48
N GLU A 89 29.09 -12.79 -22.54
CA GLU A 89 30.16 -13.76 -22.37
CA GLU A 89 30.17 -13.77 -22.37
C GLU A 89 31.39 -13.13 -21.71
N ASP A 90 31.79 -11.96 -22.21
CA ASP A 90 32.93 -11.25 -21.62
C ASP A 90 32.65 -10.89 -20.17
N TYR A 91 31.41 -10.50 -19.86
CA TYR A 91 31.04 -10.25 -18.47
C TYR A 91 31.26 -11.51 -17.64
N GLU A 92 30.69 -12.64 -18.07
CA GLU A 92 30.76 -13.86 -17.28
C GLU A 92 32.21 -14.29 -17.07
N ASN A 93 33.07 -14.05 -18.06
CA ASN A 93 34.49 -14.40 -17.95
C ASN A 93 35.26 -13.47 -17.01
N ASN A 94 34.62 -12.44 -16.47
CA ASN A 94 35.24 -11.52 -15.52
C ASN A 94 34.28 -11.23 -14.38
N LYS A 95 33.36 -12.16 -14.11
CA LYS A 95 32.15 -11.84 -13.35
C LYS A 95 32.48 -11.27 -11.97
N GLU A 96 33.53 -11.78 -11.32
CA GLU A 96 33.86 -11.33 -9.97
C GLU A 96 34.07 -9.82 -9.91
N ALA A 97 35.02 -9.29 -10.69
CA ALA A 97 35.35 -7.87 -10.60
C ALA A 97 34.17 -7.03 -11.05
N GLU A 98 33.53 -7.43 -12.15
CA GLU A 98 32.37 -6.72 -12.66
C GLU A 98 31.30 -6.62 -11.59
N ASP A 99 30.96 -7.75 -10.95
CA ASP A 99 29.98 -7.74 -9.86
C ASP A 99 30.40 -6.77 -8.76
N LYS A 100 31.66 -6.85 -8.31
CA LYS A 100 32.12 -5.99 -7.23
C LYS A 100 31.87 -4.52 -7.53
N GLU A 101 32.13 -4.10 -8.76
CA GLU A 101 32.00 -2.68 -9.07
C GLU A 101 30.52 -2.29 -9.16
N ARG A 102 29.71 -3.16 -9.74
CA ARG A 102 28.29 -2.92 -9.83
C ARG A 102 27.69 -2.76 -8.43
N ILE A 103 28.18 -3.54 -7.47
CA ILE A 103 27.66 -3.46 -6.11
C ILE A 103 27.99 -2.10 -5.50
N LYS A 104 29.19 -1.58 -5.78
CA LYS A 104 29.61 -0.31 -5.19
C LYS A 104 28.66 0.81 -5.55
N LEU A 105 28.15 0.80 -6.77
CA LEU A 105 27.27 1.85 -7.30
C LEU A 105 25.81 1.67 -6.93
N ALA A 106 25.42 0.51 -6.38
CA ALA A 106 24.01 0.15 -6.32
C ALA A 106 23.25 1.01 -5.30
N LYS A 107 23.82 1.26 -4.13
CA LYS A 107 23.13 2.08 -3.15
C LYS A 107 23.02 3.52 -3.63
N MET A 108 24.08 4.01 -4.29
CA MET A 108 24.10 5.40 -4.72
C MET A 108 23.18 5.64 -5.91
N TYR A 109 23.12 4.67 -6.82
CA TYR A 109 22.30 4.78 -8.04
C TYR A 109 21.48 3.50 -8.17
N PRO A 110 20.37 3.39 -7.45
CA PRO A 110 19.51 2.21 -7.57
C PRO A 110 18.98 2.02 -8.98
N GLN A 111 19.11 0.79 -9.49
CA GLN A 111 18.63 0.41 -10.82
C GLN A 111 18.09 -1.00 -10.65
N TYR A 112 16.78 -1.18 -10.76
CA TYR A 112 16.23 -2.50 -10.50
C TYR A 112 14.95 -2.77 -11.28
N TYR A 113 14.85 -4.01 -11.77
CA TYR A 113 13.62 -4.55 -12.32
C TYR A 113 12.79 -5.16 -11.20
N HIS A 114 11.47 -5.01 -11.30
CA HIS A 114 10.63 -5.48 -10.20
C HIS A 114 9.24 -5.81 -10.76
N HIS A 115 9.02 -7.09 -11.04
CA HIS A 115 7.75 -7.61 -11.61
C HIS A 115 7.51 -6.93 -12.95
N VAL A 116 6.23 -6.65 -13.28
CA VAL A 116 5.80 -6.31 -14.63
C VAL A 116 4.62 -5.34 -14.54
N ASP A 117 4.35 -4.66 -15.66
CA ASP A 117 3.21 -3.75 -15.74
C ASP A 117 1.98 -4.54 -16.18
N LYS A 118 0.84 -3.86 -16.42
CA LYS A 118 -0.39 -4.61 -16.69
C LYS A 118 -0.37 -5.35 -18.01
N ASP A 119 0.58 -5.03 -18.89
CA ASP A 119 0.72 -5.71 -20.16
C ASP A 119 1.82 -6.77 -20.13
N GLY A 120 2.48 -6.97 -18.99
CA GLY A 120 3.57 -7.91 -18.86
C GLY A 120 4.96 -7.37 -19.16
N ARG A 121 5.09 -6.07 -19.44
CA ARG A 121 6.42 -5.51 -19.68
C ARG A 121 7.24 -5.58 -18.40
N PRO A 122 8.55 -5.86 -18.49
CA PRO A 122 9.42 -5.64 -17.33
C PRO A 122 9.21 -4.27 -16.70
N LEU A 123 9.01 -4.26 -15.39
CA LEU A 123 8.82 -3.02 -14.64
C LEU A 123 10.17 -2.62 -14.07
N TYR A 124 10.64 -1.42 -14.41
CA TYR A 124 12.03 -1.04 -14.20
C TYR A 124 12.10 0.29 -13.44
N PHE A 125 12.94 0.36 -12.43
CA PHE A 125 13.04 1.58 -11.61
C PHE A 125 14.47 2.06 -11.55
N GLU A 126 14.65 3.39 -11.58
CA GLU A 126 15.92 4.02 -11.26
C GLU A 126 15.68 5.18 -10.31
N GLU A 127 16.55 5.33 -9.32
CA GLU A 127 16.45 6.44 -8.37
C GLU A 127 17.72 7.26 -8.47
N LEU A 128 17.57 8.57 -8.62
CA LEU A 128 18.67 9.45 -9.00
C LEU A 128 19.09 10.39 -7.89
N GLY A 129 18.32 10.48 -6.79
CA GLY A 129 18.58 11.52 -5.81
C GLY A 129 19.72 11.24 -4.86
N GLY A 130 20.18 9.99 -4.80
CA GLY A 130 21.30 9.64 -3.97
C GLY A 130 22.65 9.75 -4.64
N ILE A 131 22.69 10.10 -5.92
CA ILE A 131 23.94 10.15 -6.65
C ILE A 131 24.81 11.27 -6.11
N ASN A 132 26.07 10.96 -5.85
CA ASN A 132 27.09 11.95 -5.52
C ASN A 132 28.14 11.85 -6.62
N LEU A 133 28.25 12.89 -7.46
CA LEU A 133 29.14 12.81 -8.61
C LEU A 133 30.60 12.59 -8.20
N LYS A 134 31.10 13.39 -7.26
CA LYS A 134 32.49 13.23 -6.85
C LYS A 134 32.79 11.79 -6.45
N LYS A 135 31.86 11.16 -5.72
CA LYS A 135 32.07 9.78 -5.33
C LYS A 135 31.94 8.85 -6.53
N MET A 136 30.98 9.14 -7.40
CA MET A 136 30.76 8.28 -8.56
C MET A 136 31.98 8.29 -9.48
N TYR A 137 32.59 9.46 -9.66
CA TYR A 137 33.75 9.51 -10.55
C TYR A 137 34.93 8.75 -9.96
N LYS A 138 34.88 8.43 -8.68
CA LYS A 138 35.92 7.62 -8.05
C LYS A 138 35.74 6.12 -8.32
N ILE A 139 34.51 5.66 -8.58
CA ILE A 139 34.28 4.23 -8.76
C ILE A 139 34.10 3.81 -10.22
N THR A 140 33.63 4.72 -11.07
CA THR A 140 33.33 4.33 -12.44
C THR A 140 33.79 5.43 -13.39
N THR A 141 33.76 5.12 -14.69
CA THR A 141 34.01 6.07 -15.75
C THR A 141 32.73 6.19 -16.56
N GLU A 142 32.65 7.24 -17.38
CA GLU A 142 31.44 7.44 -18.20
C GLU A 142 31.32 6.34 -19.24
N LYS A 143 32.44 5.89 -19.79
CA LYS A 143 32.40 4.81 -20.78
C LYS A 143 32.01 3.50 -20.13
N GLN A 144 32.39 3.28 -18.88
CA GLN A 144 32.00 2.08 -18.14
C GLN A 144 30.50 2.05 -17.91
N MET A 145 29.92 3.20 -17.55
CA MET A 145 28.47 3.23 -17.36
CA MET A 145 28.48 3.26 -17.37
C MET A 145 27.74 2.92 -18.65
N LEU A 146 28.24 3.42 -19.78
CA LEU A 146 27.62 3.09 -21.05
C LEU A 146 27.73 1.59 -21.32
N ARG A 147 28.89 0.99 -21.01
CA ARG A 147 29.06 -0.45 -21.17
C ARG A 147 28.04 -1.22 -20.37
N ASN A 148 27.78 -0.78 -19.14
CA ASN A 148 26.76 -1.40 -18.29
C ASN A 148 25.38 -1.30 -18.93
N LEU A 149 25.06 -0.14 -19.51
CA LEU A 149 23.80 0.03 -20.21
C LEU A 149 23.66 -0.94 -21.37
N VAL A 150 24.71 -1.04 -22.19
CA VAL A 150 24.67 -1.98 -23.32
C VAL A 150 24.53 -3.39 -22.80
N LYS A 151 25.27 -3.75 -21.76
CA LYS A 151 25.16 -5.11 -21.23
C LYS A 151 23.73 -5.40 -20.81
N GLU A 152 23.08 -4.43 -20.15
CA GLU A 152 21.69 -4.66 -19.74
C GLU A 152 20.77 -4.78 -20.94
N TYR A 153 21.00 -3.99 -21.99
CA TYR A 153 20.19 -4.16 -23.19
C TYR A 153 20.32 -5.59 -23.71
N GLU A 154 21.52 -6.18 -23.60
CA GLU A 154 21.69 -7.53 -24.11
C GLU A 154 21.03 -8.55 -23.17
N LEU A 155 21.11 -8.32 -21.86
CA LEU A 155 20.45 -9.19 -20.90
C LEU A 155 18.93 -9.11 -21.01
N PHE A 156 18.40 -7.90 -21.28
CA PHE A 156 16.98 -7.71 -21.49
C PHE A 156 16.47 -8.59 -22.63
N ALA A 157 17.13 -8.53 -23.79
CA ALA A 157 16.70 -9.31 -24.94
C ALA A 157 16.88 -10.80 -24.70
N THR A 158 17.94 -11.18 -23.97
CA THR A 158 18.32 -12.58 -23.87
C THR A 158 17.45 -13.34 -22.86
N TYR A 159 17.21 -12.75 -21.70
CA TYR A 159 16.51 -13.40 -20.59
C TYR A 159 15.17 -12.76 -20.27
N ARG A 160 15.07 -11.45 -20.34
CA ARG A 160 13.84 -10.83 -19.84
C ARG A 160 12.72 -10.96 -20.86
N VAL A 161 13.00 -10.68 -22.14
CA VAL A 161 11.98 -10.83 -23.18
C VAL A 161 11.42 -12.25 -23.25
N PRO A 162 12.22 -13.30 -23.32
CA PRO A 162 11.59 -14.64 -23.42
C PRO A 162 10.72 -14.97 -22.22
N ALA A 163 11.22 -14.70 -21.02
CA ALA A 163 10.47 -15.06 -19.82
C ALA A 163 9.20 -14.22 -19.71
N CYS A 164 9.32 -12.91 -19.88
CA CYS A 164 8.13 -12.08 -19.78
C CYS A 164 7.10 -12.41 -20.85
N SER A 165 7.57 -12.84 -22.03
CA SER A 165 6.65 -13.17 -23.12
C SER A 165 5.93 -14.49 -22.87
N ARG A 166 6.65 -15.47 -22.33
CA ARG A 166 5.98 -16.73 -21.98
C ARG A 166 4.89 -16.50 -20.95
N ARG A 167 5.17 -15.65 -19.96
CA ARG A 167 4.17 -15.35 -18.93
C ARG A 167 3.00 -14.55 -19.50
N ALA A 168 3.28 -13.54 -20.33
CA ALA A 168 2.18 -12.74 -20.90
C ALA A 168 1.34 -13.53 -21.90
N GLY A 169 1.94 -14.55 -22.54
CA GLY A 169 1.30 -15.24 -23.63
C GLY A 169 1.34 -14.51 -24.94
N TYR A 170 2.03 -13.36 -24.97
CA TYR A 170 2.23 -12.51 -26.14
C TYR A 170 3.67 -12.04 -26.12
N LEU A 171 4.14 -11.58 -27.26
CA LEU A 171 5.49 -11.04 -27.34
C LEU A 171 5.65 -9.75 -26.54
N ILE A 172 6.70 -9.69 -25.71
CA ILE A 172 7.04 -8.51 -24.93
C ILE A 172 8.33 -7.92 -25.49
N GLU A 173 8.28 -6.66 -25.89
CA GLU A 173 9.42 -6.03 -26.54
C GLU A 173 9.99 -4.84 -25.78
N THR A 174 9.31 -4.36 -24.74
CA THR A 174 9.62 -3.05 -24.19
C THR A 174 9.51 -3.10 -22.67
N SER A 175 9.88 -1.97 -22.05
CA SER A 175 9.93 -1.82 -20.60
C SER A 175 8.87 -0.84 -20.12
N CYS A 176 8.43 -1.02 -18.88
CA CYS A 176 7.66 0.02 -18.19
C CYS A 176 8.58 0.61 -17.13
N THR A 177 9.07 1.83 -17.37
CA THR A 177 10.16 2.40 -16.59
C THR A 177 9.69 3.57 -15.74
N VAL A 178 10.10 3.58 -14.47
CA VAL A 178 9.83 4.67 -13.53
C VAL A 178 11.16 5.28 -13.13
N LEU A 179 11.36 6.56 -13.45
CA LEU A 179 12.56 7.30 -13.07
C LEU A 179 12.21 8.24 -11.92
N ASP A 180 12.76 7.99 -10.74
CA ASP A 180 12.45 8.75 -9.53
C ASP A 180 13.53 9.80 -9.32
N LEU A 181 13.17 11.07 -9.57
CA LEU A 181 14.08 12.19 -9.41
C LEU A 181 13.99 12.84 -8.02
N LYS A 182 13.42 12.16 -7.03
CA LYS A 182 13.28 12.81 -5.73
C LYS A 182 14.67 13.13 -5.17
N GLY A 183 14.87 14.41 -4.81
CA GLY A 183 16.07 14.81 -4.13
C GLY A 183 17.28 15.10 -4.99
N ILE A 184 17.15 15.08 -6.32
CA ILE A 184 18.28 15.41 -7.19
C ILE A 184 18.61 16.90 -7.08
N SER A 185 19.85 17.23 -7.45
CA SER A 185 20.26 18.63 -7.59
C SER A 185 20.25 18.98 -9.07
N LEU A 186 19.60 20.10 -9.41
CA LEU A 186 19.59 20.56 -10.80
C LEU A 186 21.01 20.85 -11.30
N SER A 187 21.88 21.33 -10.41
CA SER A 187 23.28 21.49 -10.76
C SER A 187 23.88 20.19 -11.29
N ASN A 188 23.78 19.11 -10.50
CA ASN A 188 24.23 17.80 -10.97
C ASN A 188 23.59 17.43 -12.30
N ALA A 189 22.29 17.68 -12.42
CA ALA A 189 21.58 17.28 -13.63
C ALA A 189 22.18 17.92 -14.87
N TYR A 190 22.49 19.22 -14.79
CA TYR A 190 23.14 19.89 -15.92
C TYR A 190 24.54 19.36 -16.17
N HIS A 191 25.23 18.88 -15.14
CA HIS A 191 26.62 18.46 -15.33
C HIS A 191 26.72 17.12 -16.06
N VAL A 192 25.62 16.36 -16.11
CA VAL A 192 25.64 15.03 -16.71
C VAL A 192 24.87 15.01 -18.03
N LEU A 193 24.71 16.16 -18.68
CA LEU A 193 23.97 16.21 -19.94
C LEU A 193 24.63 15.34 -21.01
N SER A 194 25.96 15.31 -21.05
CA SER A 194 26.63 14.52 -22.09
C SER A 194 26.34 13.05 -21.90
N TYR A 195 26.30 12.58 -20.65
CA TYR A 195 25.97 11.17 -20.41
C TYR A 195 24.54 10.86 -20.81
N ILE A 196 23.59 11.74 -20.50
CA ILE A 196 22.20 11.48 -20.87
C ILE A 196 22.06 11.35 -22.37
N CYS A 197 22.74 12.23 -23.12
CA CYS A 197 22.65 12.24 -24.57
C CYS A 197 23.39 11.06 -25.20
N ASP A 198 24.51 10.66 -24.62
CA ASP A 198 25.15 9.42 -25.03
C ASP A 198 24.24 8.21 -24.78
N VAL A 199 23.48 8.23 -23.68
CA VAL A 199 22.56 7.11 -23.42
C VAL A 199 21.47 7.09 -24.48
N ALA A 200 20.93 8.27 -24.80
CA ALA A 200 19.92 8.38 -25.85
C ALA A 200 20.49 7.98 -27.20
N ASP A 201 21.75 8.34 -27.45
CA ASP A 201 22.40 7.95 -28.69
C ASP A 201 22.39 6.44 -28.87
N ILE A 202 22.91 5.72 -27.88
CA ILE A 202 22.96 4.25 -27.98
C ILE A 202 21.56 3.68 -28.05
N SER A 203 20.65 4.20 -27.24
N SER A 203 20.66 4.14 -27.18
CA SER A 203 19.30 3.66 -27.14
CA SER A 203 19.28 3.65 -27.16
C SER A 203 18.53 3.84 -28.45
C SER A 203 18.65 3.79 -28.54
N GLN A 204 18.62 5.03 -29.05
CA GLN A 204 17.89 5.32 -30.27
C GLN A 204 18.55 4.70 -31.51
N ASN A 205 19.88 4.66 -31.55
CA ASN A 205 20.56 4.20 -32.76
C ASN A 205 20.68 2.68 -32.82
N TYR A 206 20.87 2.01 -31.70
CA TYR A 206 21.19 0.59 -31.71
C TYR A 206 20.15 -0.31 -31.05
N TYR A 207 19.20 0.27 -30.30
CA TYR A 207 18.14 -0.49 -29.64
C TYR A 207 16.80 0.21 -29.90
N PRO A 208 16.43 0.37 -31.18
CA PRO A 208 15.23 1.14 -31.49
C PRO A 208 14.01 0.48 -30.87
N GLU A 209 13.02 1.31 -30.55
CA GLU A 209 11.67 0.88 -30.20
C GLU A 209 11.68 -0.09 -29.02
N ARG A 210 12.63 0.12 -28.11
CA ARG A 210 12.66 -0.64 -26.87
C ARG A 210 11.95 0.08 -25.71
N MET A 211 11.66 1.38 -25.82
CA MET A 211 10.86 2.01 -24.79
C MET A 211 9.39 1.63 -24.92
N GLY A 212 8.74 1.54 -23.76
CA GLY A 212 7.33 1.26 -23.71
C GLY A 212 6.57 2.35 -22.97
N LYS A 213 6.71 2.38 -21.64
CA LYS A 213 6.20 3.46 -20.79
C LYS A 213 7.39 4.01 -20.00
N PHE A 214 7.50 5.33 -19.95
CA PHE A 214 8.62 5.99 -19.28
C PHE A 214 8.06 7.15 -18.47
N TYR A 215 7.94 6.96 -17.16
CA TYR A 215 7.38 7.96 -16.26
C TYR A 215 8.49 8.64 -15.48
N ILE A 216 8.45 9.96 -15.41
CA ILE A 216 9.37 10.70 -14.56
C ILE A 216 8.56 11.22 -13.39
N ILE A 217 8.98 10.88 -12.17
CA ILE A 217 8.25 11.25 -10.98
C ILE A 217 9.15 12.07 -10.09
N HIS A 218 8.53 12.83 -9.20
CA HIS A 218 9.22 13.64 -8.19
C HIS A 218 10.24 14.60 -8.79
N SER A 219 10.00 15.08 -10.01
CA SER A 219 10.93 16.04 -10.61
C SER A 219 10.80 17.38 -9.88
N PRO A 220 11.91 18.04 -9.54
CA PRO A 220 11.83 19.26 -8.74
C PRO A 220 11.42 20.47 -9.58
N PHE A 221 11.09 21.55 -8.87
CA PHE A 221 10.82 22.84 -9.49
C PHE A 221 11.98 23.24 -10.41
N GLY A 222 11.65 23.74 -11.59
CA GLY A 222 12.65 24.06 -12.59
C GLY A 222 13.11 22.88 -13.41
N TRP A 223 12.63 21.67 -13.14
CA TRP A 223 12.99 20.50 -13.94
CA TRP A 223 13.10 20.56 -13.95
C TRP A 223 12.70 20.73 -15.42
N SER A 224 11.59 21.40 -15.71
CA SER A 224 11.24 21.64 -17.10
C SER A 224 12.36 22.36 -17.83
N THR A 225 13.05 23.28 -17.14
CA THR A 225 14.16 24.00 -17.78
C THR A 225 15.29 23.05 -18.15
N MET A 226 15.64 22.12 -17.26
CA MET A 226 16.72 21.19 -17.59
C MET A 226 16.32 20.27 -18.73
N PHE A 227 15.09 19.77 -18.70
CA PHE A 227 14.64 18.85 -19.73
C PHE A 227 14.74 19.47 -21.13
N LYS A 228 14.62 20.80 -21.23
CA LYS A 228 14.75 21.46 -22.53
C LYS A 228 16.16 21.31 -23.10
N MET A 229 17.19 21.17 -22.23
CA MET A 229 18.53 20.80 -22.69
C MET A 229 18.60 19.36 -23.20
N VAL A 230 17.71 18.48 -22.73
CA VAL A 230 17.76 17.08 -23.13
C VAL A 230 17.03 16.83 -24.44
N LYS A 231 15.91 17.50 -24.65
CA LYS A 231 15.06 17.18 -25.80
C LYS A 231 15.77 17.18 -27.15
N PRO A 232 16.74 18.07 -27.45
CA PRO A 232 17.42 17.96 -28.74
C PRO A 232 18.16 16.66 -28.94
N CYS A 233 18.47 15.95 -27.86
CA CYS A 233 19.07 14.63 -27.98
C CYS A 233 18.05 13.54 -28.20
N LEU A 234 16.75 13.85 -28.08
CA LEU A 234 15.70 12.83 -28.11
C LEU A 234 14.92 12.89 -29.42
N ASP A 235 14.70 11.73 -30.02
CA ASP A 235 13.89 11.64 -31.23
C ASP A 235 12.43 11.87 -30.88
N PRO A 236 11.60 12.24 -31.85
CA PRO A 236 10.17 12.46 -31.54
C PRO A 236 9.47 11.30 -30.83
N VAL A 237 9.76 10.05 -31.21
CA VAL A 237 9.02 8.94 -30.62
C VAL A 237 9.46 8.76 -29.17
N THR A 238 10.74 8.96 -28.91
CA THR A 238 11.26 8.89 -27.55
C THR A 238 10.51 9.87 -26.65
N VAL A 239 10.39 11.12 -27.12
CA VAL A 239 9.70 12.15 -26.34
C VAL A 239 8.25 11.74 -26.10
N SER A 240 7.64 11.07 -27.08
CA SER A 240 6.25 10.65 -26.98
C SER A 240 6.00 9.60 -25.91
N LYS A 241 7.02 8.88 -25.46
CA LYS A 241 6.86 7.84 -24.46
C LYS A 241 7.21 8.31 -23.07
N ILE A 242 7.65 9.55 -22.92
CA ILE A 242 8.08 10.10 -21.65
C ILE A 242 6.92 10.85 -21.03
N PHE A 243 6.51 10.44 -19.84
CA PHE A 243 5.38 11.07 -19.14
C PHE A 243 5.88 11.65 -17.82
N ILE A 244 5.86 12.97 -17.72
CA ILE A 244 6.29 13.64 -16.51
C ILE A 244 5.08 13.75 -15.60
N LEU A 245 5.15 13.08 -14.46
CA LEU A 245 3.99 13.01 -13.58
C LEU A 245 4.04 14.09 -12.51
N GLY A 246 2.85 14.53 -12.10
CA GLY A 246 2.70 15.52 -11.05
C GLY A 246 2.50 14.90 -9.69
N SER A 247 1.88 15.67 -8.79
CA SER A 247 1.67 15.19 -7.42
C SER A 247 0.72 13.99 -7.37
N SER A 248 -0.08 13.77 -8.40
CA SER A 248 -0.97 12.60 -8.47
C SER A 248 -0.32 11.41 -9.17
N TYR A 249 1.01 11.34 -9.15
CA TYR A 249 1.72 10.31 -9.91
C TYR A 249 1.28 8.90 -9.53
N LYS A 250 0.93 8.66 -8.26
CA LYS A 250 0.57 7.30 -7.84
C LYS A 250 -0.65 6.79 -8.59
N LYS A 251 -1.62 7.67 -8.84
CA LYS A 251 -2.81 7.25 -9.57
C LYS A 251 -2.51 6.96 -11.03
N GLU A 252 -1.63 7.76 -11.64
CA GLU A 252 -1.18 7.48 -13.00
C GLU A 252 -0.44 6.15 -13.05
N LEU A 253 0.44 5.89 -12.10
CA LEU A 253 1.14 4.62 -12.08
C LEU A 253 0.15 3.46 -11.92
N LEU A 254 -0.88 3.63 -11.10
CA LEU A 254 -1.83 2.53 -10.91
C LEU A 254 -2.71 2.29 -12.12
N LYS A 255 -2.76 3.21 -13.08
CA LYS A 255 -3.46 2.93 -14.33
C LYS A 255 -2.72 1.91 -15.18
N GLN A 256 -1.41 1.78 -14.98
CA GLN A 256 -0.57 0.98 -15.85
C GLN A 256 0.05 -0.22 -15.16
N ILE A 257 0.16 -0.22 -13.85
CA ILE A 257 0.91 -1.21 -13.09
C ILE A 257 0.00 -1.84 -12.05
N PRO A 258 -0.06 -3.16 -11.95
CA PRO A 258 -0.85 -3.76 -10.87
C PRO A 258 -0.36 -3.28 -9.51
N ILE A 259 -1.31 -3.01 -8.61
CA ILE A 259 -0.95 -2.52 -7.28
C ILE A 259 -0.01 -3.48 -6.57
N GLU A 260 -0.22 -4.79 -6.74
CA GLU A 260 0.61 -5.76 -6.05
C GLU A 260 2.04 -5.82 -6.60
N ASN A 261 2.30 -5.21 -7.76
CA ASN A 261 3.64 -5.20 -8.35
C ASN A 261 4.41 -3.91 -8.06
N LEU A 262 3.75 -2.90 -7.59
CA LEU A 262 4.29 -1.58 -7.39
C LEU A 262 4.76 -1.44 -5.94
N PRO A 263 5.99 -0.98 -5.73
CA PRO A 263 6.49 -0.78 -4.36
C PRO A 263 5.61 0.15 -3.55
N VAL A 264 5.59 -0.12 -2.24
CA VAL A 264 4.76 0.63 -1.29
C VAL A 264 5.05 2.13 -1.37
N LYS A 265 6.33 2.50 -1.53
CA LYS A 265 6.66 3.92 -1.58
C LYS A 265 6.22 4.58 -2.89
N TYR A 266 5.91 3.81 -3.91
CA TYR A 266 5.39 4.36 -5.16
C TYR A 266 3.89 4.15 -5.30
N GLY A 267 3.21 3.69 -4.25
CA GLY A 267 1.75 3.63 -4.24
C GLY A 267 1.13 2.24 -4.31
N GLY A 268 1.92 1.17 -4.29
CA GLY A 268 1.40 -0.18 -4.30
C GLY A 268 1.56 -0.89 -2.98
N THR A 269 1.47 -2.21 -3.02
CA THR A 269 1.67 -3.03 -1.84
C THR A 269 2.89 -3.95 -1.93
N SER A 270 3.72 -3.84 -2.97
CA SER A 270 4.77 -4.84 -3.18
C SER A 270 5.91 -4.63 -2.18
N VAL A 271 6.26 -5.69 -1.46
CA VAL A 271 7.39 -5.69 -0.53
C VAL A 271 8.30 -6.87 -0.85
N LEU A 272 9.54 -6.78 -0.37
CA LEU A 272 10.50 -7.86 -0.50
C LEU A 272 10.23 -8.93 0.55
N HIS A 273 10.69 -10.14 0.27
CA HIS A 273 10.39 -11.24 1.20
C HIS A 273 11.09 -11.03 2.53
N ASN A 274 12.33 -10.53 2.51
CA ASN A 274 13.03 -10.21 3.74
C ASN A 274 13.00 -8.70 3.90
N PRO A 275 12.21 -8.15 4.83
CA PRO A 275 12.02 -6.68 4.88
C PRO A 275 13.31 -5.89 5.03
N ASN A 276 14.40 -6.51 5.48
CA ASN A 276 15.69 -5.84 5.57
C ASN A 276 16.45 -5.82 4.26
N ASP A 277 16.04 -6.61 3.26
CA ASP A 277 16.72 -6.57 1.97
C ASP A 277 16.46 -5.24 1.28
N LYS A 278 17.35 -4.89 0.34
CA LYS A 278 17.26 -3.60 -0.33
C LYS A 278 16.89 -3.76 -1.80
N PHE A 279 16.03 -2.86 -2.29
CA PHE A 279 15.63 -2.92 -3.68
C PHE A 279 16.82 -2.75 -4.61
N TYR A 280 17.84 -1.99 -4.22
CA TYR A 280 18.92 -1.73 -5.17
C TYR A 280 19.84 -2.94 -5.37
N TYR A 281 19.63 -4.02 -4.62
CA TYR A 281 20.31 -5.28 -4.89
C TYR A 281 19.36 -6.33 -5.49
N SER A 282 18.20 -5.93 -6.02
CA SER A 282 17.17 -6.89 -6.34
C SER A 282 16.91 -6.97 -7.84
N ASP A 283 16.35 -8.12 -8.24
CA ASP A 283 16.09 -8.40 -9.65
C ASP A 283 14.95 -9.42 -9.75
N ILE A 284 13.72 -8.96 -9.59
CA ILE A 284 12.58 -9.84 -9.40
C ILE A 284 11.68 -9.73 -10.62
N GLY A 285 11.24 -10.86 -11.14
CA GLY A 285 10.36 -10.88 -12.30
C GLY A 285 10.25 -12.26 -12.92
N PRO A 286 9.54 -12.37 -14.05
CA PRO A 286 9.34 -13.71 -14.67
C PRO A 286 10.65 -14.45 -14.98
N TRP A 287 11.74 -13.74 -15.25
CA TRP A 287 13.03 -14.33 -15.57
C TRP A 287 13.70 -15.00 -14.37
N ARG A 288 13.09 -14.92 -13.17
CA ARG A 288 13.54 -15.69 -11.99
C ARG A 288 12.61 -16.83 -11.65
N ASP A 289 11.58 -17.07 -12.45
CA ASP A 289 10.58 -18.09 -12.20
C ASP A 289 10.90 -19.28 -13.08
N PRO A 290 11.19 -20.46 -12.53
CA PRO A 290 11.50 -21.59 -13.41
C PRO A 290 10.38 -21.91 -14.38
N ARG A 291 9.14 -21.54 -14.05
CA ARG A 291 8.04 -21.78 -14.97
C ARG A 291 8.28 -21.10 -16.30
N TYR A 292 8.96 -19.95 -16.30
CA TYR A 292 9.07 -19.07 -17.45
C TYR A 292 10.46 -19.00 -18.06
N ILE A 293 11.46 -19.63 -17.44
CA ILE A 293 12.81 -19.68 -17.99
C ILE A 293 12.91 -20.82 -18.99
N GLY A 294 13.47 -20.54 -20.16
CA GLY A 294 13.58 -21.53 -21.20
C GLY A 294 15.01 -21.93 -21.50
N PRO A 295 15.27 -22.30 -22.75
CA PRO A 295 16.59 -22.85 -23.11
C PRO A 295 17.70 -21.81 -23.11
N GLU A 296 17.35 -20.53 -22.96
CA GLU A 296 18.34 -19.48 -22.77
C GLU A 296 19.04 -19.58 -21.43
N GLY A 297 18.49 -20.33 -20.48
CA GLY A 297 19.01 -20.38 -19.14
C GLY A 297 18.56 -19.20 -18.30
N GLU A 298 18.89 -19.25 -17.01
CA GLU A 298 18.53 -18.15 -16.11
C GLU A 298 19.57 -17.03 -16.16
N ILE A 299 19.09 -15.81 -15.94
CA ILE A 299 19.92 -14.62 -16.04
C ILE A 299 21.02 -14.70 -15.00
N PRO A 300 22.21 -14.19 -15.28
CA PRO A 300 23.25 -14.12 -14.25
C PRO A 300 22.84 -13.16 -13.15
N ASN A 301 23.41 -13.38 -11.96
CA ASN A 301 23.13 -12.51 -10.82
C ASN A 301 23.97 -11.25 -10.93
N ILE A 302 23.30 -10.11 -11.16
CA ILE A 302 24.02 -8.90 -11.51
C ILE A 302 24.72 -8.28 -10.31
N PHE A 303 24.31 -8.63 -9.10
CA PHE A 303 24.95 -8.16 -7.88
C PHE A 303 25.64 -9.31 -7.15
N GLY A 304 26.02 -10.35 -7.88
CA GLY A 304 26.74 -11.47 -7.27
C GLY A 304 25.93 -12.10 -6.15
N LYS A 305 26.61 -12.36 -5.03
CA LYS A 305 25.97 -13.01 -3.90
C LYS A 305 24.90 -12.15 -3.26
N PHE A 306 24.98 -10.82 -3.43
CA PHE A 306 24.01 -9.89 -2.85
C PHE A 306 22.69 -9.85 -3.59
N THR A 307 22.56 -10.55 -4.72
CA THR A 307 21.38 -10.43 -5.54
C THR A 307 20.16 -10.95 -4.83
N VAL A 308 19.12 -10.13 -4.80
CA VAL A 308 17.86 -10.43 -4.13
C VAL A 308 16.84 -10.78 -5.21
N THR A 309 16.34 -12.01 -5.16
CA THR A 309 15.45 -12.50 -6.20
C THR A 309 14.03 -12.75 -5.71
N SER A 310 13.72 -12.37 -4.48
CA SER A 310 12.35 -12.26 -4.02
C SER A 310 12.33 -11.32 -2.84
N THR B 2 -25.68 -24.47 26.43
CA THR B 2 -25.56 -24.21 27.86
C THR B 2 -24.24 -23.52 28.18
N THR B 3 -23.27 -23.70 27.29
CA THR B 3 -21.90 -23.34 27.58
C THR B 3 -21.68 -21.87 27.28
N SER B 4 -20.94 -21.18 28.14
CA SER B 4 -20.74 -19.74 27.97
C SER B 4 -19.94 -19.44 26.70
N ILE B 5 -20.30 -18.33 26.05
CA ILE B 5 -19.52 -17.89 24.89
C ILE B 5 -18.09 -17.58 25.31
N LEU B 6 -17.90 -17.15 26.56
CA LEU B 6 -16.56 -16.80 27.01
CA LEU B 6 -16.57 -16.81 27.07
C LEU B 6 -15.61 -17.99 26.96
N ASP B 7 -16.13 -19.21 27.04
CA ASP B 7 -15.26 -20.36 26.93
C ASP B 7 -14.80 -20.61 25.49
N THR B 8 -15.27 -19.83 24.52
CA THR B 8 -14.85 -19.98 23.13
C THR B 8 -13.85 -18.95 22.64
N TYR B 9 -13.37 -18.04 23.48
CA TYR B 9 -12.30 -17.15 23.05
C TYR B 9 -11.41 -16.88 24.26
N PRO B 10 -10.17 -16.44 24.03
CA PRO B 10 -9.23 -16.26 25.15
C PRO B 10 -9.78 -15.27 26.18
N GLN B 11 -9.59 -15.59 27.46
CA GLN B 11 -9.95 -14.67 28.54
C GLN B 11 -8.73 -14.12 29.28
N ILE B 12 -7.52 -14.31 28.76
CA ILE B 12 -6.32 -13.69 29.32
C ILE B 12 -5.67 -12.80 28.26
N CYS B 13 -5.19 -11.64 28.69
CA CYS B 13 -4.61 -10.70 27.75
C CYS B 13 -3.17 -11.07 27.42
N SER B 14 -2.63 -10.38 26.42
CA SER B 14 -1.23 -10.55 26.06
C SER B 14 -0.34 -10.25 27.26
N PRO B 15 0.72 -11.04 27.49
CA PRO B 15 1.61 -10.76 28.63
C PRO B 15 2.29 -9.40 28.54
N ASN B 16 2.25 -8.75 27.38
CA ASN B 16 2.82 -7.43 27.19
C ASN B 16 1.81 -6.30 27.47
N ALA B 17 0.61 -6.64 27.94
CA ALA B 17 -0.44 -5.66 28.20
C ALA B 17 -0.16 -4.87 29.48
N LEU B 18 -0.99 -3.87 29.71
CA LEU B 18 -0.81 -3.01 30.85
C LEU B 18 -1.08 -3.77 32.15
N PRO B 19 -0.62 -3.24 33.29
CA PRO B 19 -0.87 -3.92 34.56
C PRO B 19 -2.35 -3.93 34.93
N GLY B 20 -2.73 -4.92 35.71
CA GLY B 20 -4.10 -5.04 36.19
C GLY B 20 -5.05 -5.68 35.20
N THR B 21 -4.56 -6.13 34.00
CA THR B 21 -5.34 -6.76 32.96
C THR B 21 -5.38 -8.28 33.17
N PRO B 22 -6.45 -8.94 32.69
CA PRO B 22 -6.59 -10.40 32.89
C PRO B 22 -5.34 -11.19 32.48
N GLY B 23 -4.91 -12.07 33.38
CA GLY B 23 -3.71 -12.87 33.21
C GLY B 23 -2.43 -12.16 33.60
N ASN B 24 -2.50 -10.88 33.92
CA ASN B 24 -1.33 -10.07 34.22
C ASN B 24 -1.39 -9.48 35.62
N LEU B 25 -2.13 -10.13 36.50
CA LEU B 25 -2.42 -9.58 37.82
C LEU B 25 -1.29 -9.86 38.81
N THR B 26 -1.18 -8.97 39.79
CA THR B 26 -0.43 -9.26 40.99
C THR B 26 -1.24 -10.15 41.94
N LYS B 27 -0.57 -10.65 42.97
CA LYS B 27 -1.26 -11.46 43.97
C LYS B 27 -2.37 -10.66 44.65
N GLU B 28 -2.10 -9.40 44.99
CA GLU B 28 -3.10 -8.56 45.63
C GLU B 28 -4.29 -8.32 44.70
N GLN B 29 -4.02 -8.13 43.40
CA GLN B 29 -5.09 -7.88 42.45
C GLN B 29 -5.96 -9.11 42.25
N GLU B 30 -5.35 -10.30 42.27
CA GLU B 30 -6.13 -11.54 42.25
C GLU B 30 -7.07 -11.62 43.44
N GLU B 31 -6.56 -11.28 44.63
CA GLU B 31 -7.39 -11.34 45.83
C GLU B 31 -8.51 -10.31 45.77
N ALA B 32 -8.20 -9.10 45.29
CA ALA B 32 -9.24 -8.09 45.13
C ALA B 32 -10.33 -8.55 44.16
N LEU B 33 -9.94 -9.16 43.03
CA LEU B 33 -10.94 -9.65 42.09
C LEU B 33 -11.86 -10.69 42.72
N LEU B 34 -11.30 -11.61 43.51
CA LEU B 34 -12.13 -12.65 44.12
C LEU B 34 -13.06 -12.08 45.17
N GLN B 35 -12.56 -11.13 45.99
CA GLN B 35 -13.43 -10.44 46.94
C GLN B 35 -14.50 -9.64 46.24
N PHE B 36 -14.15 -9.00 45.12
CA PHE B 36 -15.11 -8.20 44.38
C PHE B 36 -16.24 -9.07 43.84
N ARG B 37 -15.90 -10.17 43.17
CA ARG B 37 -16.94 -11.10 42.68
C ARG B 37 -17.77 -11.65 43.82
N SER B 38 -17.12 -11.95 44.95
CA SER B 38 -17.86 -12.50 46.08
C SER B 38 -18.93 -11.55 46.59
N ILE B 39 -18.64 -10.25 46.61
CA ILE B 39 -19.62 -9.27 47.07
C ILE B 39 -20.78 -9.21 46.09
N LEU B 40 -20.46 -9.12 44.79
CA LEU B 40 -21.52 -9.05 43.79
C LEU B 40 -22.41 -10.29 43.84
N LEU B 41 -21.82 -11.46 44.04
CA LEU B 41 -22.62 -12.67 44.19
C LEU B 41 -23.49 -12.62 45.43
N GLU B 42 -22.99 -12.04 46.52
CA GLU B 42 -23.78 -11.96 47.75
C GLU B 42 -24.97 -11.03 47.57
N LYS B 43 -24.85 -10.03 46.72
CA LYS B 43 -25.90 -9.07 46.45
C LYS B 43 -26.90 -9.56 45.40
N ASN B 44 -26.65 -10.74 44.82
CA ASN B 44 -27.50 -11.41 43.83
C ASN B 44 -27.34 -10.89 42.41
N TYR B 45 -26.15 -10.40 42.06
CA TYR B 45 -25.81 -10.24 40.65
C TYR B 45 -25.37 -11.59 40.06
N LYS B 46 -25.87 -11.89 38.86
CA LYS B 46 -25.56 -13.12 38.14
C LYS B 46 -24.72 -12.92 36.88
N GLU B 47 -24.91 -11.80 36.19
CA GLU B 47 -24.38 -11.55 34.86
C GLU B 47 -23.16 -10.64 34.93
N ARG B 48 -22.34 -10.71 33.88
CA ARG B 48 -21.22 -9.77 33.71
C ARG B 48 -20.25 -9.82 34.89
N LEU B 49 -20.09 -11.00 35.48
CA LEU B 49 -19.16 -11.22 36.59
C LEU B 49 -17.87 -11.88 36.14
N ASP B 50 -17.62 -11.92 34.85
CA ASP B 50 -16.40 -12.52 34.31
C ASP B 50 -15.17 -11.64 34.60
N ASP B 51 -13.99 -12.29 34.54
CA ASP B 51 -12.73 -11.59 34.82
C ASP B 51 -12.57 -10.30 34.04
N SER B 52 -12.76 -10.35 32.72
CA SER B 52 -12.62 -9.15 31.91
C SER B 52 -13.49 -8.00 32.44
N THR B 53 -14.81 -8.21 32.51
CA THR B 53 -15.70 -7.15 32.97
C THR B 53 -15.27 -6.60 34.31
N LEU B 54 -15.09 -7.48 35.30
CA LEU B 54 -14.85 -7.01 36.67
C LEU B 54 -13.51 -6.29 36.78
N LEU B 55 -12.47 -6.79 36.11
CA LEU B 55 -11.19 -6.10 36.16
C LEU B 55 -11.25 -4.73 35.49
N ARG B 56 -12.14 -4.55 34.50
CA ARG B 56 -12.33 -3.20 33.96
C ARG B 56 -12.84 -2.23 35.02
N PHE B 57 -13.84 -2.66 35.82
CA PHE B 57 -14.32 -1.80 36.90
C PHE B 57 -13.22 -1.54 37.94
N LEU B 58 -12.51 -2.60 38.33
CA LEU B 58 -11.46 -2.46 39.35
C LEU B 58 -10.35 -1.53 38.87
N ARG B 59 -9.90 -1.68 37.63
CA ARG B 59 -8.87 -0.76 37.14
C ARG B 59 -9.37 0.67 37.15
N ALA B 60 -10.64 0.87 36.76
CA ALA B 60 -11.22 2.21 36.71
C ALA B 60 -11.30 2.85 38.10
N ARG B 61 -11.28 2.07 39.16
CA ARG B 61 -11.34 2.59 40.53
C ARG B 61 -10.09 2.22 41.33
N LYS B 62 -8.99 1.90 40.64
CA LYS B 62 -7.69 1.66 41.26
C LYS B 62 -7.78 0.53 42.29
N PHE B 63 -8.64 -0.45 42.02
CA PHE B 63 -8.84 -1.65 42.85
C PHE B 63 -9.36 -1.32 44.23
N ASP B 64 -10.01 -0.17 44.39
CA ASP B 64 -10.78 0.08 45.58
C ASP B 64 -12.05 -0.75 45.41
N ILE B 65 -12.17 -1.80 46.20
CA ILE B 65 -13.24 -2.77 46.00
C ILE B 65 -14.60 -2.14 46.26
N ASN B 66 -14.73 -1.39 47.35
CA ASN B 66 -16.02 -0.79 47.68
C ASN B 66 -16.44 0.23 46.62
N ALA B 67 -15.49 1.03 46.12
CA ALA B 67 -15.78 1.95 45.02
C ALA B 67 -16.14 1.20 43.76
N SER B 68 -15.45 0.08 43.50
CA SER B 68 -15.77 -0.73 42.33
C SER B 68 -17.16 -1.33 42.43
N VAL B 69 -17.55 -1.79 43.63
CA VAL B 69 -18.89 -2.32 43.83
C VAL B 69 -19.94 -1.25 43.53
N GLU B 70 -19.76 -0.05 44.12
CA GLU B 70 -20.65 1.07 43.84
C GLU B 70 -20.85 1.28 42.35
N MET B 71 -19.75 1.27 41.58
CA MET B 71 -19.88 1.65 40.19
C MET B 71 -20.56 0.53 39.39
N PHE B 72 -20.29 -0.74 39.76
CA PHE B 72 -20.94 -1.87 39.09
C PHE B 72 -22.44 -1.88 39.37
N VAL B 73 -22.81 -1.65 40.61
CA VAL B 73 -24.22 -1.56 41.00
C VAL B 73 -24.94 -0.51 40.16
N GLU B 74 -24.39 0.70 40.10
CA GLU B 74 -25.03 1.77 39.34
C GLU B 74 -25.07 1.43 37.85
N THR B 75 -24.03 0.78 37.34
CA THR B 75 -24.04 0.39 35.94
C THR B 75 -25.18 -0.58 35.67
N GLU B 76 -25.33 -1.59 36.53
CA GLU B 76 -26.39 -2.57 36.35
C GLU B 76 -27.75 -1.91 36.41
N ARG B 77 -27.92 -0.94 37.32
CA ARG B 77 -29.16 -0.16 37.36
C ARG B 77 -29.38 0.56 36.05
N TRP B 78 -28.35 1.23 35.52
CA TRP B 78 -28.53 2.03 34.32
C TRP B 78 -28.84 1.16 33.12
N ARG B 79 -28.14 0.02 32.97
CA ARG B 79 -28.39 -0.88 31.85
C ARG B 79 -29.86 -1.27 31.78
N GLU B 80 -30.45 -1.54 32.94
CA GLU B 80 -31.82 -2.01 32.98
C GLU B 80 -32.80 -0.86 32.71
N GLU B 81 -32.60 0.28 33.38
CA GLU B 81 -33.50 1.42 33.18
C GLU B 81 -33.45 1.96 31.76
N TYR B 82 -32.26 1.97 31.15
CA TYR B 82 -32.06 2.53 29.83
C TYR B 82 -32.42 1.55 28.71
N GLY B 83 -32.42 0.25 29.00
CA GLY B 83 -32.64 -0.74 27.98
C GLY B 83 -31.39 -1.25 27.31
N ALA B 84 -30.23 -1.10 27.94
CA ALA B 84 -29.00 -1.56 27.30
C ALA B 84 -29.01 -3.07 27.15
N ASN B 85 -29.68 -3.76 28.07
CA ASN B 85 -29.69 -5.23 28.05
C ASN B 85 -30.46 -5.80 26.87
N THR B 86 -31.31 -5.00 26.22
CA THR B 86 -32.09 -5.44 25.07
C THR B 86 -31.86 -4.57 23.84
N ILE B 87 -30.77 -3.77 23.80
CA ILE B 87 -30.66 -2.80 22.71
C ILE B 87 -30.38 -3.48 21.36
N ILE B 88 -29.64 -4.59 21.34
CA ILE B 88 -29.40 -5.29 20.07
C ILE B 88 -30.69 -5.92 19.55
N GLU B 89 -31.44 -6.57 20.45
CA GLU B 89 -32.71 -7.17 20.06
C GLU B 89 -33.69 -6.12 19.56
N ASP B 90 -33.85 -5.04 20.34
CA ASP B 90 -34.74 -3.95 19.93
C ASP B 90 -34.35 -3.41 18.55
N TYR B 91 -33.06 -3.25 18.30
CA TYR B 91 -32.62 -2.84 16.97
C TYR B 91 -33.04 -3.86 15.92
N GLU B 92 -32.78 -5.15 16.18
CA GLU B 92 -33.11 -6.19 15.19
C GLU B 92 -34.61 -6.28 14.93
N ASN B 93 -35.45 -5.95 15.91
CA ASN B 93 -36.90 -5.91 15.71
C ASN B 93 -37.39 -4.63 15.07
N ASN B 94 -36.49 -3.69 14.79
CA ASN B 94 -36.82 -2.46 14.09
C ASN B 94 -35.76 -2.15 13.05
N LYS B 95 -35.15 -3.19 12.49
CA LYS B 95 -33.87 -3.03 11.80
C LYS B 95 -34.00 -2.15 10.56
N GLU B 96 -35.03 -2.38 9.74
CA GLU B 96 -35.18 -1.60 8.51
C GLU B 96 -35.26 -0.11 8.82
N ALA B 97 -36.06 0.26 9.83
CA ALA B 97 -36.20 1.67 10.18
C ALA B 97 -34.87 2.25 10.64
N GLU B 98 -34.21 1.59 11.58
CA GLU B 98 -32.94 2.08 12.11
C GLU B 98 -31.89 2.19 11.03
N ASP B 99 -31.73 1.15 10.22
CA ASP B 99 -30.71 1.17 9.17
C ASP B 99 -30.87 2.39 8.30
N LYS B 100 -32.11 2.69 7.90
CA LYS B 100 -32.42 3.86 7.09
C LYS B 100 -31.85 5.13 7.71
N GLU B 101 -32.08 5.33 9.00
CA GLU B 101 -31.57 6.54 9.64
C GLU B 101 -30.05 6.53 9.71
N ARG B 102 -29.46 5.39 10.07
CA ARG B 102 -28.01 5.31 10.16
C ARG B 102 -27.37 5.66 8.83
N ILE B 103 -27.96 5.16 7.74
CA ILE B 103 -27.46 5.45 6.39
C ILE B 103 -27.51 6.94 6.10
N LYS B 104 -28.56 7.63 6.56
CA LYS B 104 -28.75 9.03 6.20
C LYS B 104 -27.63 9.93 6.74
N LEU B 105 -27.10 9.61 7.91
CA LEU B 105 -26.05 10.42 8.53
C LEU B 105 -24.65 9.89 8.25
N ALA B 106 -24.52 8.74 7.58
CA ALA B 106 -23.23 8.06 7.51
C ALA B 106 -22.21 8.84 6.69
N LYS B 107 -22.63 9.38 5.54
CA LYS B 107 -21.73 10.18 4.71
C LYS B 107 -21.33 11.49 5.41
N MET B 108 -22.26 12.10 6.14
CA MET B 108 -21.92 13.39 6.75
C MET B 108 -21.06 13.19 7.99
N TYR B 109 -21.20 12.05 8.66
CA TYR B 109 -20.45 11.73 9.89
C TYR B 109 -19.93 10.30 9.77
N PRO B 110 -18.83 10.09 9.03
CA PRO B 110 -18.28 8.73 8.93
C PRO B 110 -17.86 8.14 10.27
N GLN B 111 -18.34 6.93 10.54
CA GLN B 111 -18.01 6.16 11.72
C GLN B 111 -17.83 4.72 11.27
N TYR B 112 -16.60 4.19 11.36
CA TYR B 112 -16.37 2.87 10.77
C TYR B 112 -15.18 2.18 11.40
N TYR B 113 -15.36 0.88 11.69
CA TYR B 113 -14.24 0.01 11.99
C TYR B 113 -13.59 -0.47 10.71
N HIS B 114 -12.29 -0.72 10.77
CA HIS B 114 -11.57 -1.14 9.57
C HIS B 114 -10.32 -1.90 10.03
N HIS B 115 -10.45 -3.22 10.10
CA HIS B 115 -9.33 -4.10 10.48
C HIS B 115 -8.94 -3.79 11.93
N VAL B 116 -7.65 -3.86 12.25
CA VAL B 116 -7.19 -3.94 13.62
CA VAL B 116 -7.17 -4.02 13.60
C VAL B 116 -5.82 -3.31 13.71
N ASP B 117 -5.42 -2.96 14.94
CA ASP B 117 -4.09 -2.40 15.20
C ASP B 117 -3.08 -3.53 15.44
N LYS B 118 -1.83 -3.19 15.80
CA LYS B 118 -0.79 -4.23 15.91
C LYS B 118 -0.99 -5.20 17.06
N ASP B 119 -1.88 -4.87 18.00
CA ASP B 119 -2.17 -5.72 19.14
C ASP B 119 -3.48 -6.48 19.00
N GLY B 120 -4.19 -6.30 17.90
CA GLY B 120 -5.44 -7.00 17.76
C GLY B 120 -6.68 -6.19 18.08
N ARG B 121 -6.53 -4.89 18.45
CA ARG B 121 -7.71 -4.11 18.81
C ARG B 121 -8.48 -3.72 17.57
N PRO B 122 -9.81 -3.72 17.62
CA PRO B 122 -10.59 -3.10 16.54
C PRO B 122 -10.06 -1.71 16.23
N LEU B 123 -9.86 -1.43 14.95
CA LEU B 123 -9.40 -0.12 14.48
C LEU B 123 -10.62 0.68 14.03
N TYR B 124 -10.77 1.89 14.57
CA TYR B 124 -12.03 2.60 14.48
C TYR B 124 -11.76 4.05 14.11
N PHE B 125 -12.51 4.53 13.13
CA PHE B 125 -12.32 5.87 12.56
C PHE B 125 -13.60 6.66 12.72
N GLU B 126 -13.46 7.95 13.02
CA GLU B 126 -14.56 8.89 12.87
C GLU B 126 -13.98 10.11 12.19
N GLU B 127 -14.74 10.67 11.24
CA GLU B 127 -14.38 11.91 10.58
C GLU B 127 -15.45 12.95 10.89
N LEU B 128 -15.01 14.13 11.34
CA LEU B 128 -15.98 15.12 11.76
C LEU B 128 -16.03 16.39 10.91
N GLY B 129 -15.18 16.53 9.90
CA GLY B 129 -15.16 17.74 9.08
C GLY B 129 -16.37 17.92 8.18
N GLY B 130 -17.12 16.85 7.92
CA GLY B 130 -18.28 16.98 7.04
C GLY B 130 -19.59 17.30 7.73
N ILE B 131 -19.59 17.40 9.05
CA ILE B 131 -20.84 17.55 9.78
C ILE B 131 -21.38 18.97 9.61
N ASN B 132 -22.65 19.07 9.24
CA ASN B 132 -23.42 20.32 9.22
C ASN B 132 -24.51 20.18 10.27
N LEU B 133 -24.44 21.00 11.32
CA LEU B 133 -25.32 20.83 12.47
C LEU B 133 -26.78 21.05 12.11
N LYS B 134 -27.07 22.06 11.30
CA LYS B 134 -28.46 22.30 10.91
C LYS B 134 -29.06 21.09 10.20
N LYS B 135 -28.30 20.44 9.32
CA LYS B 135 -28.81 19.25 8.67
C LYS B 135 -28.91 18.10 9.67
N MET B 136 -27.90 17.94 10.52
CA MET B 136 -27.91 16.81 11.45
C MET B 136 -29.10 16.90 12.41
N TYR B 137 -29.41 18.08 12.91
CA TYR B 137 -30.57 18.23 13.77
C TYR B 137 -31.89 17.95 13.05
N LYS B 138 -31.91 17.98 11.71
CA LYS B 138 -33.11 17.60 10.98
C LYS B 138 -33.33 16.10 10.93
N ILE B 139 -32.26 15.30 11.08
CA ILE B 139 -32.33 13.87 10.81
C ILE B 139 -32.28 13.07 12.11
N THR B 140 -31.69 13.64 13.15
CA THR B 140 -31.47 12.88 14.38
C THR B 140 -31.70 13.79 15.58
N THR B 141 -31.67 13.19 16.77
CA THR B 141 -31.69 13.94 18.03
C THR B 141 -30.46 13.57 18.84
N GLU B 142 -30.17 14.41 19.85
CA GLU B 142 -29.00 14.17 20.69
C GLU B 142 -29.13 12.85 21.44
N LYS B 143 -30.32 12.57 22.00
CA LYS B 143 -30.55 11.30 22.69
C LYS B 143 -30.42 10.11 21.75
N GLN B 144 -30.84 10.28 20.50
CA GLN B 144 -30.73 9.22 19.50
C GLN B 144 -29.28 8.88 19.21
N MET B 145 -28.42 9.91 19.12
CA MET B 145 -27.01 9.66 18.88
CA MET B 145 -26.99 9.71 18.91
C MET B 145 -26.37 8.94 20.06
N LEU B 146 -26.79 9.27 21.28
CA LEU B 146 -26.33 8.54 22.45
C LEU B 146 -26.84 7.11 22.42
N ARG B 147 -28.08 6.90 21.94
CA ARG B 147 -28.62 5.55 21.76
C ARG B 147 -27.75 4.72 20.82
N ASN B 148 -27.34 5.32 19.70
CA ASN B 148 -26.43 4.64 18.77
C ASN B 148 -25.10 4.31 19.43
N LEU B 149 -24.58 5.20 20.28
CA LEU B 149 -23.33 4.92 20.98
C LEU B 149 -23.47 3.71 21.89
N VAL B 150 -24.52 3.69 22.71
CA VAL B 150 -24.72 2.54 23.58
C VAL B 150 -24.87 1.26 22.77
N LYS B 151 -25.59 1.31 21.64
CA LYS B 151 -25.77 0.11 20.84
C LYS B 151 -24.42 -0.43 20.31
N GLU B 152 -23.56 0.46 19.81
CA GLU B 152 -22.25 0.00 19.33
C GLU B 152 -21.37 -0.51 20.48
N TYR B 153 -21.48 0.08 21.66
CA TYR B 153 -20.79 -0.49 22.80
C TYR B 153 -21.23 -1.94 23.03
N GLU B 154 -22.53 -2.21 22.88
CA GLU B 154 -23.01 -3.56 23.11
C GLU B 154 -22.58 -4.48 21.97
N LEU B 155 -22.65 -4.01 20.73
CA LEU B 155 -22.17 -4.79 19.59
C LEU B 155 -20.68 -5.09 19.72
N PHE B 156 -19.91 -4.10 20.19
CA PHE B 156 -18.48 -4.27 20.39
C PHE B 156 -18.20 -5.42 21.36
N ALA B 157 -18.90 -5.43 22.50
CA ALA B 157 -18.69 -6.48 23.48
C ALA B 157 -19.16 -7.84 22.95
N THR B 158 -20.26 -7.84 22.19
CA THR B 158 -20.93 -9.07 21.76
C THR B 158 -20.23 -9.72 20.59
N TYR B 159 -19.87 -8.93 19.58
CA TYR B 159 -19.30 -9.45 18.34
C TYR B 159 -17.85 -9.12 18.13
N ARG B 160 -17.46 -7.89 18.43
CA ARG B 160 -16.11 -7.50 18.05
C ARG B 160 -15.06 -8.10 18.97
N VAL B 161 -15.35 -8.12 20.27
CA VAL B 161 -14.39 -8.66 21.22
C VAL B 161 -14.15 -10.14 20.99
N PRO B 162 -15.17 -11.00 20.85
CA PRO B 162 -14.86 -12.43 20.65
C PRO B 162 -14.06 -12.68 19.39
N ALA B 163 -14.44 -12.07 18.27
CA ALA B 163 -13.75 -12.36 17.03
C ALA B 163 -12.33 -11.83 17.05
N CYS B 164 -12.14 -10.60 17.52
CA CYS B 164 -10.78 -10.06 17.59
C CYS B 164 -9.91 -10.86 18.56
N SER B 165 -10.48 -11.31 19.68
CA SER B 165 -9.70 -12.13 20.62
C SER B 165 -9.26 -13.45 19.98
N ARG B 166 -10.15 -14.10 19.23
CA ARG B 166 -9.79 -15.37 18.59
C ARG B 166 -8.66 -15.20 17.58
N ARG B 167 -8.72 -14.12 16.78
CA ARG B 167 -7.65 -13.85 15.84
C ARG B 167 -6.34 -13.51 16.55
N ALA B 168 -6.42 -12.72 17.63
CA ALA B 168 -5.21 -12.33 18.34
C ALA B 168 -4.60 -13.47 19.14
N GLY B 169 -5.40 -14.46 19.52
CA GLY B 169 -4.97 -15.46 20.48
C GLY B 169 -4.88 -14.97 21.90
N TYR B 170 -5.32 -13.73 22.17
CA TYR B 170 -5.34 -13.13 23.50
C TYR B 170 -6.62 -12.31 23.62
N LEU B 171 -7.00 -12.03 24.87
CA LEU B 171 -8.21 -11.24 25.11
C LEU B 171 -8.02 -9.80 24.66
N ILE B 172 -8.97 -9.33 23.86
CA ILE B 172 -9.03 -7.95 23.38
C ILE B 172 -10.15 -7.27 24.14
N GLU B 173 -9.87 -6.05 24.65
CA GLU B 173 -10.82 -5.35 25.51
C GLU B 173 -11.09 -3.93 25.04
N THR B 174 -10.35 -3.42 24.08
CA THR B 174 -10.32 -2.00 23.81
C THR B 174 -10.21 -1.76 22.31
N SER B 175 -10.32 -0.49 21.94
CA SER B 175 -10.26 -0.06 20.56
C SER B 175 -8.99 0.76 20.35
N CYS B 176 -8.56 0.82 19.11
CA CYS B 176 -7.58 1.78 18.63
C CYS B 176 -8.32 2.74 17.72
N THR B 177 -8.49 3.97 18.17
CA THR B 177 -9.42 4.91 17.54
C THR B 177 -8.66 6.08 16.94
N VAL B 178 -9.03 6.45 15.72
CA VAL B 178 -8.51 7.63 15.07
C VAL B 178 -9.67 8.58 14.86
N LEU B 179 -9.60 9.75 15.49
CA LEU B 179 -10.59 10.82 15.31
C LEU B 179 -10.00 11.89 14.40
N ASP B 180 -10.57 12.04 13.20
CA ASP B 180 -10.08 12.97 12.17
C ASP B 180 -10.87 14.26 12.25
N LEU B 181 -10.20 15.36 12.64
CA LEU B 181 -10.82 16.67 12.75
C LEU B 181 -10.62 17.54 11.52
N LYS B 182 -10.11 16.99 10.40
CA LYS B 182 -9.85 17.85 9.25
C LYS B 182 -11.12 18.59 8.81
N GLY B 183 -11.05 19.92 8.79
CA GLY B 183 -12.14 20.73 8.28
C GLY B 183 -13.22 21.11 9.28
N ILE B 184 -13.06 20.74 10.55
CA ILE B 184 -14.09 21.09 11.53
C ILE B 184 -14.13 22.60 11.74
N SER B 185 -15.32 23.12 12.04
CA SER B 185 -15.46 24.49 12.49
C SER B 185 -15.36 24.52 14.00
N LEU B 186 -14.45 25.34 14.53
CA LEU B 186 -14.31 25.39 15.98
C LEU B 186 -15.57 25.92 16.66
N SER B 187 -16.35 26.77 15.98
CA SER B 187 -17.59 27.25 16.55
C SER B 187 -18.58 26.10 16.73
N ASN B 188 -18.80 25.31 15.66
CA ASN B 188 -19.57 24.07 15.78
C ASN B 188 -19.06 23.20 16.92
N ALA B 189 -17.75 23.08 17.06
CA ALA B 189 -17.18 22.29 18.14
C ALA B 189 -17.65 22.81 19.50
N TYR B 190 -17.63 24.12 19.70
CA TYR B 190 -18.12 24.64 20.98
C TYR B 190 -19.60 24.36 21.16
N HIS B 191 -20.36 24.27 20.07
CA HIS B 191 -21.79 24.05 20.19
C HIS B 191 -22.14 22.62 20.58
N VAL B 192 -21.21 21.69 20.40
CA VAL B 192 -21.52 20.28 20.61
C VAL B 192 -20.88 19.78 21.88
N LEU B 193 -20.65 20.69 22.85
CA LEU B 193 -19.87 20.32 24.02
C LEU B 193 -20.70 19.46 24.98
N SER B 194 -22.00 19.74 25.10
CA SER B 194 -22.89 18.90 25.90
C SER B 194 -22.94 17.49 25.37
N TYR B 195 -23.01 17.33 24.04
CA TYR B 195 -22.98 15.98 23.48
C TYR B 195 -21.66 15.28 23.81
N ILE B 196 -20.54 16.00 23.66
CA ILE B 196 -19.26 15.36 23.92
C ILE B 196 -19.18 14.89 25.35
N CYS B 197 -19.61 15.75 26.29
CA CYS B 197 -19.54 15.38 27.70
C CYS B 197 -20.52 14.27 28.03
N ASP B 198 -21.73 14.29 27.43
CA ASP B 198 -22.65 13.16 27.61
C ASP B 198 -22.01 11.85 27.15
N VAL B 199 -21.27 11.88 26.04
CA VAL B 199 -20.62 10.67 25.55
C VAL B 199 -19.57 10.19 26.53
N ALA B 200 -18.76 11.13 27.06
CA ALA B 200 -17.77 10.76 28.07
C ALA B 200 -18.44 10.21 29.32
N ASP B 201 -19.62 10.74 29.66
CA ASP B 201 -20.32 10.25 30.85
C ASP B 201 -20.73 8.80 30.67
N ILE B 202 -21.31 8.47 29.51
CA ILE B 202 -21.70 7.07 29.27
C ILE B 202 -20.45 6.18 29.26
N SER B 203 -19.40 6.62 28.55
CA SER B 203 -18.19 5.82 28.42
C SER B 203 -17.55 5.55 29.78
N GLN B 204 -17.31 6.61 30.55
CA GLN B 204 -16.62 6.48 31.81
C GLN B 204 -17.47 5.80 32.89
N ASN B 205 -18.78 6.02 32.87
CA ASN B 205 -19.58 5.50 33.97
C ASN B 205 -20.04 4.08 33.74
N TYR B 206 -20.32 3.70 32.49
CA TYR B 206 -20.97 2.44 32.21
C TYR B 206 -20.11 1.50 31.39
N TYR B 207 -19.04 2.00 30.78
CA TYR B 207 -18.16 1.17 29.95
C TYR B 207 -16.70 1.41 30.33
N PRO B 208 -16.35 1.26 31.61
CA PRO B 208 -15.00 1.66 32.05
C PRO B 208 -13.95 0.86 31.31
N GLU B 209 -12.81 1.52 31.09
CA GLU B 209 -11.59 0.90 30.57
C GLU B 209 -11.81 0.26 29.21
N ARG B 210 -12.69 0.85 28.40
CA ARG B 210 -12.84 0.38 27.03
C ARG B 210 -11.93 1.10 26.03
N MET B 211 -11.37 2.25 26.39
CA MET B 211 -10.44 2.92 25.47
C MET B 211 -9.07 2.25 25.46
N GLY B 212 -8.46 2.20 24.28
CA GLY B 212 -7.15 1.60 24.12
C GLY B 212 -6.13 2.63 23.71
N LYS B 213 -6.11 2.95 22.42
CA LYS B 213 -5.37 4.09 21.86
C LYS B 213 -6.42 5.03 21.29
N PHE B 214 -6.18 6.35 21.38
CA PHE B 214 -7.13 7.35 20.90
C PHE B 214 -6.34 8.53 20.33
N TYR B 215 -6.19 8.55 19.02
CA TYR B 215 -5.44 9.58 18.32
C TYR B 215 -6.38 10.63 17.78
N ILE B 216 -6.05 11.90 17.98
CA ILE B 216 -6.75 12.99 17.32
C ILE B 216 -5.82 13.57 16.26
N ILE B 217 -6.28 13.57 15.01
CA ILE B 217 -5.44 14.05 13.92
C ILE B 217 -6.15 15.21 13.23
N HIS B 218 -5.34 15.99 12.49
CA HIS B 218 -5.82 17.13 11.70
C HIS B 218 -6.57 18.15 12.54
N SER B 219 -6.24 18.27 13.83
CA SER B 219 -6.91 19.26 14.66
C SER B 219 -6.53 20.66 14.18
N PRO B 220 -7.47 21.60 14.18
CA PRO B 220 -7.19 22.94 13.66
C PRO B 220 -6.40 23.79 14.64
N PHE B 221 -5.87 24.90 14.12
CA PHE B 221 -5.33 25.91 15.01
C PHE B 221 -6.44 26.37 15.94
N GLY B 222 -6.11 26.55 17.21
CA GLY B 222 -7.10 26.88 18.20
C GLY B 222 -7.77 25.70 18.83
N TRP B 223 -7.60 24.49 18.30
CA TRP B 223 -8.27 23.36 18.90
CA TRP B 223 -8.21 23.31 18.88
C TRP B 223 -7.86 23.16 20.35
N SER B 224 -6.64 23.53 20.74
CA SER B 224 -6.23 23.29 22.12
C SER B 224 -7.09 24.08 23.11
N THR B 225 -7.50 25.30 22.76
CA THR B 225 -8.36 26.04 23.68
C THR B 225 -9.74 25.38 23.79
N MET B 226 -10.22 24.74 22.70
CA MET B 226 -11.52 24.08 22.75
C MET B 226 -11.45 22.80 23.58
N PHE B 227 -10.34 22.06 23.45
CA PHE B 227 -10.12 20.87 24.27
C PHE B 227 -10.14 21.21 25.76
N LYS B 228 -9.70 22.42 26.15
CA LYS B 228 -9.75 22.80 27.55
C LYS B 228 -11.18 22.87 28.09
N MET B 229 -12.18 23.05 27.21
CA MET B 229 -13.59 22.91 27.58
C MET B 229 -14.00 21.45 27.73
N VAL B 230 -13.25 20.51 27.16
CA VAL B 230 -13.60 19.09 27.21
C VAL B 230 -13.01 18.39 28.43
N LYS B 231 -11.74 18.69 28.74
CA LYS B 231 -11.03 17.99 29.80
C LYS B 231 -11.79 17.87 31.11
N PRO B 232 -12.52 18.89 31.59
CA PRO B 232 -13.23 18.73 32.88
C PRO B 232 -14.24 17.60 32.87
N CYS B 233 -14.71 17.20 31.70
CA CYS B 233 -15.63 16.07 31.58
C CYS B 233 -14.92 14.74 31.50
N LEU B 234 -13.58 14.75 31.36
CA LEU B 234 -12.77 13.56 31.16
C LEU B 234 -12.04 13.18 32.44
N ASP B 235 -12.14 11.91 32.84
CA ASP B 235 -11.35 11.42 33.95
C ASP B 235 -9.87 11.38 33.58
N PRO B 236 -8.99 11.45 34.57
CA PRO B 236 -7.54 11.40 34.27
C PRO B 236 -7.13 10.25 33.38
N VAL B 237 -7.66 9.04 33.57
CA VAL B 237 -7.21 7.94 32.74
C VAL B 237 -7.69 8.12 31.31
N THR B 238 -8.86 8.72 31.12
CA THR B 238 -9.33 9.04 29.77
C THR B 238 -8.35 9.98 29.08
N VAL B 239 -7.89 10.99 29.81
CA VAL B 239 -6.96 11.96 29.24
C VAL B 239 -5.65 11.28 28.91
N SER B 240 -5.25 10.27 29.70
CA SER B 240 -4.01 9.53 29.50
C SER B 240 -4.00 8.72 28.21
N LYS B 241 -5.17 8.42 27.64
CA LYS B 241 -5.27 7.63 26.43
C LYS B 241 -5.36 8.46 25.17
N ILE B 242 -5.56 9.76 25.29
CA ILE B 242 -5.80 10.63 24.14
C ILE B 242 -4.47 11.24 23.67
N PHE B 243 -4.13 11.02 22.41
CA PHE B 243 -2.88 11.52 21.85
C PHE B 243 -3.18 12.50 20.72
N ILE B 244 -2.72 13.74 20.87
CA ILE B 244 -2.98 14.77 19.86
C ILE B 244 -1.78 14.80 18.93
N LEU B 245 -1.99 14.40 17.68
CA LEU B 245 -0.90 14.23 16.74
C LEU B 245 -0.70 15.47 15.89
N GLY B 246 0.55 15.70 15.51
CA GLY B 246 0.92 16.83 14.70
C GLY B 246 1.02 16.48 13.22
N SER B 247 1.82 17.25 12.51
CA SER B 247 1.92 17.08 11.06
C SER B 247 2.56 15.75 10.69
N SER B 248 3.27 15.11 11.61
CA SER B 248 3.86 13.80 11.36
C SER B 248 2.97 12.66 11.84
N TYR B 249 1.66 12.89 11.92
CA TYR B 249 0.74 11.89 12.49
C TYR B 249 0.83 10.55 11.78
N LYS B 250 1.08 10.55 10.47
CA LYS B 250 1.14 9.27 9.75
C LYS B 250 2.21 8.35 10.33
N LYS B 251 3.37 8.92 10.71
CA LYS B 251 4.44 8.09 11.26
C LYS B 251 4.09 7.58 12.64
N GLU B 252 3.36 8.38 13.43
CA GLU B 252 2.88 7.91 14.71
C GLU B 252 1.84 6.79 14.55
N LEU B 253 0.89 6.95 13.62
CA LEU B 253 -0.09 5.90 13.38
C LEU B 253 0.58 4.61 12.96
N LEU B 254 1.58 4.69 12.08
CA LEU B 254 2.30 3.50 11.62
C LEU B 254 3.13 2.83 12.72
N LYS B 255 3.37 3.51 13.84
CA LYS B 255 3.99 2.81 14.96
C LYS B 255 3.05 1.79 15.59
N GLN B 256 1.74 2.02 15.45
CA GLN B 256 0.75 1.28 16.21
C GLN B 256 -0.17 0.44 15.35
N ILE B 257 -0.25 0.70 14.05
CA ILE B 257 -1.22 0.07 13.16
C ILE B 257 -0.50 -0.50 11.95
N PRO B 258 -0.82 -1.73 11.51
CA PRO B 258 -0.16 -2.28 10.32
C PRO B 258 -0.45 -1.41 9.10
N ILE B 259 0.58 -1.17 8.29
CA ILE B 259 0.44 -0.37 7.07
C ILE B 259 -0.70 -0.90 6.19
N GLU B 260 -0.89 -2.22 6.15
CA GLU B 260 -1.92 -2.76 5.26
C GLU B 260 -3.32 -2.59 5.81
N ASN B 261 -3.48 -2.19 7.07
CA ASN B 261 -4.80 -1.96 7.66
C ASN B 261 -5.22 -0.51 7.70
N LEU B 262 -4.32 0.40 7.40
CA LEU B 262 -4.55 1.82 7.52
C LEU B 262 -4.93 2.38 6.16
N PRO B 263 -6.03 3.14 6.06
CA PRO B 263 -6.44 3.67 4.76
C PRO B 263 -5.35 4.52 4.13
N VAL B 264 -5.32 4.51 2.80
CA VAL B 264 -4.31 5.24 2.03
C VAL B 264 -4.25 6.71 2.45
N LYS B 265 -5.41 7.33 2.69
CA LYS B 265 -5.40 8.75 3.03
C LYS B 265 -4.74 9.04 4.38
N TYR B 266 -4.54 8.03 5.21
CA TYR B 266 -3.88 8.22 6.49
C TYR B 266 -2.47 7.63 6.52
N GLY B 267 -1.93 7.27 5.36
CA GLY B 267 -0.55 6.86 5.26
C GLY B 267 -0.32 5.39 5.02
N GLY B 268 -1.37 4.58 4.92
CA GLY B 268 -1.24 3.17 4.70
C GLY B 268 -1.48 2.76 3.27
N THR B 269 -1.80 1.47 3.08
CA THR B 269 -2.07 0.92 1.76
C THR B 269 -3.47 0.30 1.67
N SER B 270 -4.30 0.44 2.69
CA SER B 270 -5.58 -0.25 2.69
C SER B 270 -6.54 0.47 1.75
N VAL B 271 -7.05 -0.26 0.76
CA VAL B 271 -8.08 0.27 -0.12
C VAL B 271 -9.25 -0.71 -0.11
N LEU B 272 -10.44 -0.21 -0.44
CA LEU B 272 -11.63 -1.05 -0.47
C LEU B 272 -11.69 -1.82 -1.79
N HIS B 273 -12.38 -2.96 -1.74
CA HIS B 273 -12.26 -3.88 -2.86
C HIS B 273 -13.02 -3.40 -4.08
N ASN B 274 -14.19 -2.77 -3.91
CA ASN B 274 -14.93 -2.27 -5.07
C ASN B 274 -14.83 -0.75 -5.18
N PRO B 275 -14.89 -0.21 -6.40
CA PRO B 275 -14.69 1.25 -6.60
C PRO B 275 -15.74 2.12 -5.94
N ASN B 276 -16.95 1.61 -5.75
CA ASN B 276 -18.04 2.37 -5.15
C ASN B 276 -18.24 2.02 -3.69
N ASP B 277 -17.37 1.20 -3.12
CA ASP B 277 -17.34 1.00 -1.68
C ASP B 277 -16.91 2.30 -1.01
N LYS B 278 -17.62 2.66 0.05
CA LYS B 278 -17.35 3.85 0.85
C LYS B 278 -16.92 3.40 2.23
N PHE B 279 -15.87 4.03 2.78
CA PHE B 279 -15.51 3.68 4.13
C PHE B 279 -16.65 3.92 5.11
N TYR B 280 -17.46 4.96 4.89
CA TYR B 280 -18.49 5.26 5.88
C TYR B 280 -19.67 4.28 5.82
N TYR B 281 -19.70 3.36 4.86
CA TYR B 281 -20.64 2.24 4.88
C TYR B 281 -19.94 0.93 5.20
N SER B 282 -18.72 0.97 5.71
CA SER B 282 -17.94 -0.26 5.79
C SER B 282 -17.82 -0.75 7.23
N ASP B 283 -17.60 -2.06 7.36
CA ASP B 283 -17.44 -2.67 8.67
C ASP B 283 -16.56 -3.90 8.52
N ILE B 284 -15.36 -3.70 8.01
CA ILE B 284 -14.44 -4.79 7.70
C ILE B 284 -13.59 -5.10 8.92
N GLY B 285 -13.48 -6.39 9.28
CA GLY B 285 -12.69 -6.77 10.43
C GLY B 285 -12.85 -8.25 10.76
N PRO B 286 -12.15 -8.73 11.79
CA PRO B 286 -12.26 -10.17 12.15
C PRO B 286 -13.68 -10.66 12.37
N TRP B 287 -14.62 -9.81 12.84
CA TRP B 287 -16.01 -10.16 13.11
C TRP B 287 -16.82 -10.43 11.85
N ARG B 288 -16.21 -10.26 10.67
CA ARG B 288 -16.81 -10.67 9.40
C ARG B 288 -16.21 -11.96 8.86
N ASP B 289 -15.18 -12.49 9.49
CA ASP B 289 -14.41 -13.61 8.96
C ASP B 289 -14.94 -14.89 9.60
N PRO B 290 -15.44 -15.86 8.82
CA PRO B 290 -16.05 -17.05 9.46
C PRO B 290 -15.04 -17.84 10.29
N ARG B 291 -13.75 -17.71 10.01
CA ARG B 291 -12.74 -18.32 10.87
C ARG B 291 -12.86 -17.85 12.32
N TYR B 292 -13.27 -16.60 12.55
CA TYR B 292 -13.23 -16.00 13.87
C TYR B 292 -14.60 -15.73 14.48
N ILE B 293 -15.69 -16.01 13.76
CA ILE B 293 -17.05 -15.84 14.30
C ILE B 293 -17.44 -17.08 15.06
N GLY B 294 -17.93 -16.91 16.28
CA GLY B 294 -18.24 -18.03 17.13
C GLY B 294 -19.73 -18.23 17.36
N PRO B 295 -20.06 -18.88 18.47
CA PRO B 295 -21.48 -19.14 18.78
C PRO B 295 -22.31 -17.88 18.95
N GLU B 296 -21.67 -16.71 19.00
CA GLU B 296 -22.43 -15.48 19.15
C GLU B 296 -23.15 -15.10 17.87
N GLY B 297 -22.76 -15.69 16.74
CA GLY B 297 -23.31 -15.31 15.45
C GLY B 297 -22.56 -14.13 14.86
N GLU B 298 -22.88 -13.81 13.61
CA GLU B 298 -22.25 -12.67 12.96
C GLU B 298 -22.98 -11.38 13.30
N ILE B 299 -22.20 -10.33 13.52
CA ILE B 299 -22.73 -8.99 13.80
C ILE B 299 -23.76 -8.58 12.75
N PRO B 300 -24.85 -7.92 13.15
CA PRO B 300 -25.79 -7.40 12.15
C PRO B 300 -25.14 -6.34 11.28
N ASN B 301 -25.66 -6.19 10.06
CA ASN B 301 -25.19 -5.15 9.13
C ASN B 301 -25.82 -3.82 9.52
N ILE B 302 -24.98 -2.88 9.94
CA ILE B 302 -25.49 -1.63 10.51
C ILE B 302 -25.87 -0.59 9.47
N PHE B 303 -25.40 -0.74 8.22
CA PHE B 303 -25.81 0.09 7.11
C PHE B 303 -26.69 -0.67 6.14
N GLY B 304 -27.38 -1.69 6.65
CA GLY B 304 -28.32 -2.43 5.83
C GLY B 304 -27.64 -3.05 4.64
N LYS B 305 -28.33 -2.97 3.50
CA LYS B 305 -27.81 -3.53 2.25
C LYS B 305 -26.51 -2.87 1.81
N PHE B 306 -26.28 -1.61 2.21
CA PHE B 306 -25.08 -0.86 1.82
C PHE B 306 -23.81 -1.29 2.56
N THR B 307 -23.91 -2.21 3.53
CA THR B 307 -22.77 -2.52 4.38
C THR B 307 -21.66 -3.21 3.60
N VAL B 308 -20.45 -2.65 3.66
CA VAL B 308 -19.29 -3.22 3.00
C VAL B 308 -18.59 -4.10 4.03
N THR B 309 -18.65 -5.41 3.85
CA THR B 309 -18.09 -6.34 4.82
C THR B 309 -16.83 -7.02 4.31
N SER B 310 -16.41 -6.70 3.09
CA SER B 310 -15.25 -7.30 2.42
C SER B 310 -13.92 -6.93 3.07
C1 PTY C . 17.25 5.62 -22.30
C2 PTY C . 15.58 -0.72 -19.85
C3 PTY C . 14.87 0.48 -19.24
O4 PTY C . 16.24 6.47 -22.84
C5 PTY C . 15.21 4.09 -22.20
C6 PTY C . 16.58 4.45 -21.61
O7 PTY C . 16.44 4.84 -20.23
C8 PTY C . 17.30 4.40 -19.32
O10 PTY C . 18.11 3.52 -19.54
C11 PTY C . 17.17 5.13 -18.01
C12 PTY C . 18.28 6.17 -17.85
C13 PTY C . 18.07 7.32 -18.83
C14 PTY C . 19.22 8.32 -18.92
C15 PTY C . 20.12 8.41 -17.68
C16 PTY C . 19.46 9.12 -16.51
C17 PTY C . 20.46 9.34 -15.39
C18 PTY C . 21.61 10.18 -15.89
C19 PTY C . 22.51 10.65 -14.77
C20 PTY C . 22.78 9.48 -13.84
C21 PTY C . 24.15 8.90 -14.10
C22 PTY C . 25.17 9.64 -13.25
C23 PTY C . 26.55 9.65 -13.88
C24 PTY C . 26.46 10.33 -15.21
C25 PTY C . 27.85 10.73 -15.69
C26 PTY C . 28.82 9.57 -15.59
C27 PTY C . 30.02 9.92 -14.73
C28 PTY C . 30.39 8.78 -13.79
C29 PTY C . 31.80 8.29 -14.05
C30 PTY C . 16.32 7.83 -22.79
C31 PTY C . 15.31 8.45 -21.86
O30 PTY C . 17.09 8.46 -23.47
C32 PTY C . 15.57 9.89 -21.47
C33 PTY C . 15.10 10.20 -20.06
C34 PTY C . 16.20 10.85 -19.24
C35 PTY C . 15.75 12.08 -18.46
C36 PTY C . 16.90 12.88 -17.84
C37 PTY C . 17.08 12.66 -16.36
C38 PTY C . 17.50 13.93 -15.61
C39 PTY C . 17.82 13.65 -14.16
C40 PTY C . 19.32 13.53 -13.90
C41 PTY C . 19.68 13.55 -12.43
C42 PTY C . 21.18 13.64 -12.24
C43 PTY C . 21.63 13.46 -10.81
C44 PTY C . 23.15 13.32 -10.71
P1 PTY C . 13.87 2.07 -21.15
O11 PTY C . 15.00 1.65 -20.07
O12 PTY C . 12.49 1.97 -20.56
O13 PTY C . 14.15 1.46 -22.49
O14 PTY C . 14.29 3.66 -21.21
N1 PTY C . 17.03 -0.53 -19.92
S SO4 D . 5.25 10.77 -1.99
O1 SO4 D . 3.99 10.51 -1.30
O2 SO4 D . 5.48 9.71 -2.97
O3 SO4 D . 5.17 12.06 -2.68
O4 SO4 D . 6.35 10.79 -1.03
S SO4 E . -1.20 15.94 -11.05
O1 SO4 E . -0.63 16.37 -9.78
O2 SO4 E . -1.09 17.04 -12.01
O3 SO4 E . -2.62 15.62 -10.87
O4 SO4 E . -0.50 14.75 -11.52
S SO4 F . 8.80 23.59 -13.53
O1 SO4 F . 9.56 24.66 -12.89
O2 SO4 F . 8.02 22.87 -12.53
O3 SO4 F . 7.90 24.14 -14.53
O4 SO4 F . 9.71 22.65 -14.16
S SO4 G . 26.94 -15.83 -8.49
O1 SO4 G . 26.63 -14.71 -7.61
O2 SO4 G . 26.55 -17.08 -7.84
O3 SO4 G . 26.20 -15.69 -9.74
O4 SO4 G . 28.37 -15.85 -8.79
C1 PTY H . -15.97 7.93 23.85
C2 PTY H . -15.61 2.47 19.90
C3 PTY H . -14.47 3.47 19.87
O4 PTY H . -15.08 9.02 24.00
C5 PTY H . -14.03 6.46 23.39
C6 PTY H . -15.32 7.03 22.85
O7 PTY H . -15.12 7.90 21.74
C8 PTY H . -15.95 7.74 20.71
O10 PTY H . -17.03 7.20 20.79
C11 PTY H . -15.37 8.28 19.44
C12 PTY H . -15.46 9.78 19.41
C13 PTY H . -16.76 10.25 20.03
C14 PTY H . -16.49 11.45 20.93
C15 PTY H . -15.73 12.53 20.20
C16 PTY H . -16.54 13.16 19.07
C17 PTY H . -17.96 13.47 19.50
C18 PTY H . -18.39 14.81 18.97
C19 PTY H . -18.33 14.84 17.45
C20 PTY H . -19.50 15.64 16.91
C21 PTY H . -20.56 14.75 16.27
C22 PTY H . -21.90 14.85 16.98
C23 PTY H . -22.54 16.22 16.85
C24 PTY H . -24.06 16.13 16.90
C25 PTY H . -24.67 16.86 18.09
C26 PTY H . -25.77 16.05 18.76
C27 PTY H . -27.12 16.75 18.75
C28 PTY H . -28.04 16.18 17.67
C29 PTY H . -27.71 16.81 16.33
C30 PTY H . -15.03 9.49 25.24
C31 PTY H . -13.91 10.45 25.49
O30 PTY H . -15.83 9.13 26.05
C32 PTY H . -13.93 11.67 24.59
C33 PTY H . -12.65 11.76 23.79
C34 PTY H . -12.94 12.54 22.53
C35 PTY H . -12.62 14.02 22.64
C36 PTY H . -13.70 14.88 22.00
C37 PTY H . -13.21 15.77 20.86
C38 PTY H . -14.35 16.32 20.01
C39 PTY H . -13.89 17.19 18.84
C40 PTY H . -14.94 18.21 18.39
C41 PTY H . -15.28 18.24 16.90
C42 PTY H . -16.73 18.64 16.68
C43 PTY H . -17.11 18.97 15.24
C44 PTY H . -18.55 19.47 15.09
P1 PTY H . -13.24 4.39 21.98
O11 PTY H . -14.49 4.45 20.91
O12 PTY H . -11.97 4.09 21.21
O13 PTY H . -13.64 3.55 23.14
O14 PTY H . -13.23 6.00 22.33
N1 PTY H . -16.96 3.05 19.97
C1 GOL I . -29.16 -5.85 5.66
O1 GOL I . -29.98 -6.12 4.57
C2 GOL I . -29.37 -7.01 6.66
O2 GOL I . -30.69 -7.22 6.96
C3 GOL I . -28.69 -8.22 5.98
O3 GOL I . -28.80 -9.28 6.87
C1 GOL J . -9.38 -23.40 14.20
O1 GOL J . -9.13 -24.76 14.04
C2 GOL J . -8.95 -22.72 12.93
O2 GOL J . -7.64 -22.98 12.64
C3 GOL J . -9.26 -21.22 13.18
O3 GOL J . -8.06 -20.54 13.42
S SO4 K . 5.21 16.21 14.98
O1 SO4 K . 4.92 17.48 15.64
O2 SO4 K . 6.04 15.36 15.84
O3 SO4 K . 3.95 15.53 14.71
O4 SO4 K . 5.93 16.46 13.73
S SO4 L . -2.51 15.02 4.92
O1 SO4 L . -2.59 16.24 5.72
O2 SO4 L . -2.25 13.89 5.81
O3 SO4 L . -3.76 14.84 4.19
O4 SO4 L . -1.39 15.15 3.98
#